data_4LCD
#
_entry.id   4LCD
#
_cell.length_a   83.046
_cell.length_b   78.923
_cell.length_c   96.722
_cell.angle_alpha   90.00
_cell.angle_beta   101.67
_cell.angle_gamma   90.00
#
_symmetry.space_group_name_H-M   'P 1 21 1'
#
loop_
_entity.id
_entity.type
_entity.pdbx_description
1 polymer 'E3 ubiquitin-protein ligase RSP5'
2 polymer 'Protein SNA3'
3 polymer Ubiquitin
#
loop_
_entity_poly.entity_id
_entity_poly.type
_entity_poly.pdbx_seq_one_letter_code
_entity_poly.pdbx_strand_id
1 'polypeptide(L)'
;GSGGSVSQLGPLPSGWEMRLTNTARVYFVDHNTKTTTWDDPRLPSSLDQNVPQYKRDFRRKVIYFRSQPALRILPGQLHI
KVRRKNIFEDAYQEIMRQTPEDLKKRLMIKFDGEEGLDYGGVSREFFFLLSHEMFNPFYGLFEYSAYDNYTIQINPNSGI
NPEHLNYFKFIGRVVGLGVFHRRFLDAFFVGALYKMMLRKKVVLQDMEGVDAEVYNSLNWMLENSIDGVLDLTFSADDER
FGEVVTVDLKPDGRNIEVTDGNKKEYVELYTQWRIVDRVQEQFKAFMDGFNELIPEDLVTVFDERELELLIGGIAEIDIE
DWKKHTDYRGYQESDEVIQWFWKAVSEWDNEQRARLLQFTTGTSRIPVNGFKDLQGSDGPRRFTIEKAGEVQQLPKSHTC
FNRVDLPQYVDYDSMKQKLTLAVEETIGFGQE
;
A,B
2 'polypeptide(L)' AQPPAYDEDDEAGADVPLMDNAQQ C,D
3 'polypeptide(L)'
;MGHHHHHHMQIFVKTLTGKTITLEVEPSDTIENVKAKIQDKEGIPPDQQRLIFAGKQLEDGRTLSDYNIQKESTLHLVLR
LRC
;
E,F
#
# COMPACT_ATOMS: atom_id res chain seq x y z
N VAL A 6 -6.65 -0.01 -37.50
CA VAL A 6 -6.31 -1.23 -36.78
C VAL A 6 -7.54 -1.85 -36.15
N SER A 7 -8.58 -2.03 -36.97
CA SER A 7 -9.88 -2.52 -36.51
C SER A 7 -9.90 -4.02 -36.17
N GLN A 8 -8.74 -4.62 -35.93
CA GLN A 8 -8.67 -5.97 -35.34
C GLN A 8 -8.87 -5.86 -33.81
N LEU A 9 -8.88 -4.63 -33.32
CA LEU A 9 -9.09 -4.35 -31.91
C LEU A 9 -10.49 -3.73 -31.72
N GLY A 10 -11.26 -3.71 -32.80
CA GLY A 10 -12.56 -3.07 -32.80
C GLY A 10 -12.52 -1.62 -33.24
N PRO A 11 -13.59 -1.15 -33.89
CA PRO A 11 -13.69 0.24 -34.36
C PRO A 11 -13.88 1.22 -33.22
N LEU A 12 -13.44 2.46 -33.44
CA LEU A 12 -13.45 3.51 -32.43
C LEU A 12 -14.88 3.81 -31.91
N PRO A 13 -14.99 4.47 -30.74
CA PRO A 13 -16.30 4.93 -30.23
C PRO A 13 -16.84 6.15 -30.97
N SER A 14 -18.13 6.43 -30.81
CA SER A 14 -18.77 7.57 -31.47
C SER A 14 -18.07 8.88 -31.11
N GLY A 15 -17.76 9.67 -32.14
CA GLY A 15 -17.11 10.96 -31.97
C GLY A 15 -15.62 10.89 -31.67
N TRP A 16 -14.91 9.98 -32.35
CA TRP A 16 -13.48 9.78 -32.11
C TRP A 16 -12.67 9.68 -33.38
N GLU A 17 -11.59 10.45 -33.42
CA GLU A 17 -10.72 10.47 -34.59
C GLU A 17 -9.29 10.13 -34.14
N MET A 18 -8.55 9.45 -35.00
CA MET A 18 -7.21 9.03 -34.68
C MET A 18 -6.24 9.53 -35.73
N ARG A 19 -5.44 10.53 -35.38
CA ARG A 19 -4.48 11.10 -36.32
C ARG A 19 -3.03 10.75 -35.93
N LEU A 20 -2.08 11.15 -36.74
CA LEU A 20 -0.68 10.87 -36.45
C LEU A 20 0.01 12.17 -36.10
N THR A 21 0.94 12.10 -35.16
CA THR A 21 1.83 13.21 -34.87
C THR A 21 2.76 13.46 -36.06
N ASN A 22 3.49 14.59 -36.03
CA ASN A 22 4.46 14.95 -37.08
C ASN A 22 5.50 13.87 -37.32
N THR A 23 5.55 12.90 -36.41
CA THR A 23 6.49 11.80 -36.45
C THR A 23 5.81 10.44 -36.44
N ALA A 24 4.54 10.42 -36.84
CA ALA A 24 3.74 9.19 -36.93
C ALA A 24 3.65 8.41 -35.61
N ARG A 25 3.37 9.13 -34.53
CA ARG A 25 3.17 8.51 -33.25
C ARG A 25 1.71 8.66 -32.83
N VAL A 26 0.96 7.57 -32.97
CA VAL A 26 -0.51 7.59 -32.84
C VAL A 26 -1.04 8.34 -31.62
N TYR A 27 -1.99 9.23 -31.86
CA TYR A 27 -2.71 9.94 -30.80
C TYR A 27 -4.16 10.05 -31.25
N PHE A 28 -5.05 10.40 -30.32
CA PHE A 28 -6.48 10.35 -30.59
C PHE A 28 -7.20 11.66 -30.33
N VAL A 29 -8.37 11.80 -30.92
CA VAL A 29 -9.11 13.05 -30.82
C VAL A 29 -10.50 12.77 -30.27
N ASP A 30 -10.81 13.38 -29.12
CA ASP A 30 -12.16 13.25 -28.56
C ASP A 30 -13.04 14.40 -29.02
N HIS A 31 -13.92 14.13 -29.98
CA HIS A 31 -14.80 15.14 -30.52
C HIS A 31 -15.87 15.48 -29.50
N ASN A 32 -15.97 14.64 -28.48
CA ASN A 32 -16.92 14.86 -27.41
C ASN A 32 -16.33 15.77 -26.35
N THR A 33 -15.10 15.50 -25.94
CA THR A 33 -14.52 16.21 -24.81
C THR A 33 -13.85 17.51 -25.29
N LYS A 34 -13.86 17.75 -26.60
CA LYS A 34 -12.98 18.76 -27.18
C LYS A 34 -11.57 18.61 -26.59
N THR A 35 -10.99 17.43 -26.76
CA THR A 35 -9.64 17.17 -26.27
C THR A 35 -9.00 16.10 -27.12
N THR A 36 -7.76 15.78 -26.75
CA THR A 36 -6.98 14.77 -27.44
C THR A 36 -6.14 13.99 -26.43
N THR A 37 -5.77 12.76 -26.78
CA THR A 37 -4.97 11.91 -25.87
C THR A 37 -4.17 10.80 -26.55
N TRP A 38 -3.16 10.29 -25.86
CA TRP A 38 -2.35 9.19 -26.36
C TRP A 38 -3.10 7.87 -26.21
N ASP A 39 -3.92 7.78 -25.17
CA ASP A 39 -4.69 6.57 -24.89
C ASP A 39 -5.72 6.28 -25.96
N ASP A 40 -5.77 5.01 -26.37
CA ASP A 40 -6.81 4.51 -27.24
C ASP A 40 -8.09 4.36 -26.40
N PRO A 41 -9.18 5.02 -26.82
CA PRO A 41 -10.42 4.88 -26.05
C PRO A 41 -10.97 3.45 -26.10
N ARG A 42 -10.47 2.61 -27.00
CA ARG A 42 -10.96 1.24 -27.14
C ARG A 42 -10.12 0.32 -26.32
N LEU A 43 -9.30 0.87 -25.45
CA LEU A 43 -8.37 0.09 -24.66
C LEU A 43 -8.23 0.76 -23.30
N PRO A 44 -7.89 0.00 -22.26
CA PRO A 44 -7.79 0.58 -20.92
C PRO A 44 -6.87 1.78 -20.92
N SER A 45 -7.16 2.78 -20.10
CA SER A 45 -6.37 4.00 -20.02
C SER A 45 -4.95 3.74 -19.54
N SER A 46 -4.06 4.69 -19.77
CA SER A 46 -2.67 4.52 -19.41
C SER A 46 -2.53 4.50 -17.89
N LEU A 47 -1.43 3.94 -17.43
CA LEU A 47 -1.12 3.93 -16.02
C LEU A 47 -0.12 5.03 -15.64
N ASP A 48 -0.46 5.78 -14.59
CA ASP A 48 0.43 6.80 -14.04
C ASP A 48 1.53 6.15 -13.24
N GLN A 49 2.76 6.65 -13.38
CA GLN A 49 3.90 6.16 -12.59
C GLN A 49 3.57 6.02 -11.10
N ASN A 50 4.29 5.12 -10.43
CA ASN A 50 4.01 4.65 -9.07
C ASN A 50 2.83 3.68 -8.91
N VAL A 51 2.40 3.06 -10.01
CA VAL A 51 1.25 2.14 -9.99
C VAL A 51 1.70 0.67 -9.93
N PRO A 52 1.13 -0.09 -8.99
CA PRO A 52 1.54 -1.47 -8.70
C PRO A 52 1.64 -2.32 -9.96
N GLN A 53 2.62 -3.22 -9.98
CA GLN A 53 2.85 -4.10 -11.12
C GLN A 53 1.57 -4.84 -11.47
N TYR A 54 0.86 -5.33 -10.46
CA TYR A 54 -0.34 -6.11 -10.71
C TYR A 54 -1.31 -5.36 -11.62
N LYS A 55 -1.26 -4.03 -11.55
CA LYS A 55 -2.19 -3.16 -12.27
C LYS A 55 -1.71 -2.84 -13.68
N ARG A 56 -0.43 -2.51 -13.78
CA ARG A 56 0.24 -2.26 -15.05
C ARG A 56 0.24 -3.54 -15.87
N ASP A 57 0.56 -4.65 -15.23
CA ASP A 57 0.52 -5.95 -15.88
C ASP A 57 -0.90 -6.35 -16.25
N PHE A 58 -1.87 -5.77 -15.57
CA PHE A 58 -3.25 -6.09 -15.86
C PHE A 58 -3.67 -5.39 -17.14
N ARG A 59 -3.44 -4.09 -17.23
CA ARG A 59 -3.74 -3.33 -18.44
C ARG A 59 -3.07 -3.95 -19.66
N ARG A 60 -1.91 -4.57 -19.45
CA ARG A 60 -1.14 -5.22 -20.50
C ARG A 60 -1.83 -6.47 -21.02
N LYS A 61 -2.24 -7.35 -20.11
CA LYS A 61 -2.95 -8.57 -20.45
C LYS A 61 -4.36 -8.32 -21.02
N VAL A 62 -4.96 -7.20 -20.66
CA VAL A 62 -6.26 -6.86 -21.17
C VAL A 62 -6.09 -6.57 -22.65
N ILE A 63 -5.06 -5.83 -23.04
CA ILE A 63 -4.89 -5.59 -24.47
C ILE A 63 -4.59 -6.86 -25.22
N TYR A 64 -3.83 -7.75 -24.60
CA TYR A 64 -3.46 -8.97 -25.28
C TYR A 64 -4.74 -9.72 -25.57
N PHE A 65 -5.57 -9.79 -24.53
CA PHE A 65 -6.79 -10.58 -24.57
C PHE A 65 -7.83 -9.94 -25.48
N ARG A 66 -7.72 -8.63 -25.67
CA ARG A 66 -8.70 -7.92 -26.46
C ARG A 66 -8.34 -7.78 -27.93
N SER A 67 -7.27 -8.45 -28.34
CA SER A 67 -6.79 -8.34 -29.69
C SER A 67 -6.99 -9.62 -30.45
N GLN A 68 -7.15 -10.72 -29.73
CA GLN A 68 -7.25 -12.02 -30.37
C GLN A 68 -8.56 -12.11 -31.14
N PRO A 69 -8.53 -12.75 -32.33
CA PRO A 69 -9.71 -12.86 -33.19
C PRO A 69 -10.92 -13.47 -32.46
N ALA A 70 -10.64 -14.35 -31.52
CA ALA A 70 -11.66 -14.98 -30.73
C ALA A 70 -12.47 -14.01 -29.86
N LEU A 71 -11.93 -12.82 -29.58
CA LEU A 71 -12.63 -11.85 -28.75
C LEU A 71 -13.13 -10.66 -29.56
N ARG A 72 -13.60 -10.93 -30.78
CA ARG A 72 -13.94 -9.86 -31.70
C ARG A 72 -15.43 -9.89 -31.99
N ILE A 73 -16.09 -8.76 -31.75
CA ILE A 73 -17.53 -8.64 -31.98
C ILE A 73 -17.83 -8.99 -33.43
N LEU A 74 -18.95 -9.69 -33.66
CA LEU A 74 -19.35 -10.08 -34.99
C LEU A 74 -20.25 -9.03 -35.63
N PRO A 75 -20.30 -8.99 -36.97
CA PRO A 75 -21.14 -7.98 -37.61
C PRO A 75 -22.61 -8.20 -37.29
N GLY A 76 -23.35 -7.09 -37.20
CA GLY A 76 -24.77 -7.16 -36.90
C GLY A 76 -25.04 -6.95 -35.43
N GLN A 77 -26.20 -7.38 -34.97
CA GLN A 77 -26.64 -7.16 -33.60
C GLN A 77 -27.47 -8.33 -33.07
N LEU A 78 -27.61 -8.39 -31.74
CA LEU A 78 -28.47 -9.39 -31.10
C LEU A 78 -29.44 -8.72 -30.14
N HIS A 79 -30.70 -9.12 -30.19
CA HIS A 79 -31.71 -8.46 -29.37
C HIS A 79 -32.09 -9.29 -28.15
N ILE A 80 -32.05 -8.65 -26.99
CA ILE A 80 -32.53 -9.32 -25.80
C ILE A 80 -33.71 -8.56 -25.21
N LYS A 81 -34.90 -9.14 -25.35
CA LYS A 81 -36.10 -8.59 -24.76
C LYS A 81 -36.38 -9.25 -23.41
N VAL A 82 -36.24 -8.49 -22.33
CA VAL A 82 -36.57 -9.00 -21.00
C VAL A 82 -37.43 -8.00 -20.17
N ARG A 83 -38.17 -8.50 -19.21
CA ARG A 83 -38.88 -7.61 -18.29
C ARG A 83 -38.11 -7.55 -16.99
N ARG A 84 -38.10 -6.37 -16.37
CA ARG A 84 -37.24 -6.16 -15.21
C ARG A 84 -37.60 -7.12 -14.07
N LYS A 85 -38.88 -7.21 -13.71
CA LYS A 85 -39.26 -8.14 -12.65
C LYS A 85 -39.10 -9.61 -13.06
N ASN A 86 -38.68 -9.86 -14.29
CA ASN A 86 -38.60 -11.22 -14.79
C ASN A 86 -37.25 -11.46 -15.42
N ILE A 87 -36.33 -10.55 -15.15
CA ILE A 87 -35.01 -10.55 -15.78
C ILE A 87 -34.35 -11.91 -15.76
N PHE A 88 -34.55 -12.70 -14.71
CA PHE A 88 -33.84 -13.97 -14.68
C PHE A 88 -34.38 -15.02 -15.62
N GLU A 89 -35.68 -15.29 -15.53
CA GLU A 89 -36.29 -16.32 -16.35
C GLU A 89 -36.41 -15.87 -17.78
N ASP A 90 -36.53 -14.57 -17.99
CA ASP A 90 -36.59 -14.01 -19.33
C ASP A 90 -35.24 -14.11 -20.03
N ALA A 91 -34.18 -13.67 -19.35
CA ALA A 91 -32.83 -13.76 -19.86
C ALA A 91 -32.54 -15.19 -20.22
N TYR A 92 -32.97 -16.12 -19.39
CA TYR A 92 -32.67 -17.51 -19.64
C TYR A 92 -33.17 -17.89 -21.00
N GLN A 93 -34.43 -17.55 -21.29
CA GLN A 93 -34.99 -17.93 -22.56
C GLN A 93 -34.30 -17.15 -23.64
N GLU A 94 -34.31 -15.82 -23.53
CA GLU A 94 -33.75 -14.95 -24.57
C GLU A 94 -32.32 -15.27 -24.99
N ILE A 95 -31.59 -16.00 -24.14
CA ILE A 95 -30.17 -16.30 -24.34
C ILE A 95 -29.84 -17.75 -24.68
N MET A 96 -30.40 -18.71 -23.95
CA MET A 96 -30.14 -20.13 -24.22
C MET A 96 -30.69 -20.61 -25.56
N ARG A 97 -31.36 -19.71 -26.28
CA ARG A 97 -31.95 -20.00 -27.59
C ARG A 97 -31.10 -19.45 -28.73
N GLN A 98 -30.03 -18.74 -28.37
CA GLN A 98 -29.09 -18.24 -29.36
C GLN A 98 -27.85 -19.12 -29.36
N THR A 99 -27.23 -19.31 -30.53
CA THR A 99 -25.98 -20.02 -30.64
C THR A 99 -24.82 -19.15 -30.11
N PRO A 100 -23.63 -19.74 -29.93
CA PRO A 100 -22.49 -18.89 -29.52
C PRO A 100 -22.14 -17.76 -30.50
N GLU A 101 -22.28 -17.99 -31.80
CA GLU A 101 -21.87 -17.00 -32.80
C GLU A 101 -22.85 -15.85 -32.77
N ASP A 102 -24.13 -16.21 -32.73
CA ASP A 102 -25.18 -15.23 -32.62
C ASP A 102 -24.93 -14.39 -31.36
N LEU A 103 -24.53 -15.05 -30.28
CA LEU A 103 -24.28 -14.36 -29.00
C LEU A 103 -23.06 -13.44 -28.98
N LYS A 104 -22.34 -13.36 -30.10
CA LYS A 104 -21.14 -12.52 -30.18
C LYS A 104 -21.37 -11.19 -30.90
N LYS A 105 -22.55 -11.01 -31.49
CA LYS A 105 -22.90 -9.75 -32.14
C LYS A 105 -23.12 -8.66 -31.08
N ARG A 106 -23.37 -7.43 -31.49
CA ARG A 106 -23.66 -6.38 -30.51
C ARG A 106 -24.92 -6.73 -29.72
N LEU A 107 -25.00 -6.24 -28.47
CA LEU A 107 -26.17 -6.48 -27.62
C LEU A 107 -27.14 -5.29 -27.58
N MET A 108 -28.35 -5.48 -28.08
CA MET A 108 -29.37 -4.45 -27.97
C MET A 108 -30.40 -4.93 -26.97
N ILE A 109 -30.23 -4.55 -25.70
CA ILE A 109 -31.13 -5.03 -24.68
C ILE A 109 -32.23 -4.02 -24.42
N LYS A 110 -33.47 -4.50 -24.40
CA LYS A 110 -34.62 -3.63 -24.17
C LYS A 110 -35.48 -4.18 -23.05
N PHE A 111 -35.58 -3.43 -21.95
CA PHE A 111 -36.55 -3.75 -20.91
C PHE A 111 -37.95 -3.44 -21.43
N ASP A 112 -38.88 -4.38 -21.26
CA ASP A 112 -40.24 -4.17 -21.76
C ASP A 112 -40.98 -3.00 -21.11
N GLY A 113 -41.56 -2.16 -21.96
CA GLY A 113 -42.39 -1.05 -21.50
C GLY A 113 -41.68 0.24 -21.14
N TYR A 119 -30.44 0.99 -25.15
CA TYR A 119 -29.47 0.21 -25.92
C TYR A 119 -28.14 -0.04 -25.21
N GLY A 120 -27.09 0.59 -25.76
CA GLY A 120 -25.74 0.47 -25.24
C GLY A 120 -25.59 0.54 -23.74
N GLY A 121 -26.07 1.62 -23.13
CA GLY A 121 -26.02 1.80 -21.69
C GLY A 121 -26.99 0.92 -20.91
N VAL A 122 -27.90 0.27 -21.63
CA VAL A 122 -28.80 -0.71 -21.02
C VAL A 122 -28.04 -2.01 -20.75
N SER A 123 -26.90 -2.18 -21.43
CA SER A 123 -26.10 -3.39 -21.27
C SER A 123 -25.50 -3.47 -19.87
N ARG A 124 -25.08 -2.30 -19.35
CA ARG A 124 -24.47 -2.23 -18.02
C ARG A 124 -25.50 -2.56 -16.98
N GLU A 125 -26.63 -1.86 -17.05
CA GLU A 125 -27.78 -2.10 -16.17
C GLU A 125 -28.34 -3.51 -16.28
N PHE A 126 -28.28 -4.09 -17.46
CA PHE A 126 -28.70 -5.46 -17.68
C PHE A 126 -27.82 -6.47 -16.94
N PHE A 127 -26.51 -6.34 -17.07
CA PHE A 127 -25.60 -7.34 -16.53
C PHE A 127 -25.47 -7.19 -15.05
N PHE A 128 -25.45 -5.95 -14.61
CA PHE A 128 -25.37 -5.70 -13.21
C PHE A 128 -26.57 -6.34 -12.50
N LEU A 129 -27.75 -6.17 -13.07
CA LEU A 129 -29.00 -6.67 -12.49
C LEU A 129 -29.23 -8.18 -12.61
N LEU A 130 -28.83 -8.77 -13.72
CA LEU A 130 -29.06 -10.18 -13.92
C LEU A 130 -28.16 -10.98 -12.99
N SER A 131 -26.97 -10.46 -12.73
CA SER A 131 -25.99 -11.16 -11.91
C SER A 131 -26.41 -11.22 -10.47
N HIS A 132 -27.09 -10.18 -10.05
CA HIS A 132 -27.80 -10.20 -8.77
C HIS A 132 -28.74 -11.37 -8.60
N GLU A 133 -29.47 -11.70 -9.66
CA GLU A 133 -30.38 -12.84 -9.65
C GLU A 133 -29.69 -14.20 -9.64
N MET A 134 -28.80 -14.45 -10.61
CA MET A 134 -28.18 -15.75 -10.78
C MET A 134 -27.42 -16.16 -9.53
N PHE A 135 -26.65 -15.19 -9.03
CA PHE A 135 -25.70 -15.37 -7.94
C PHE A 135 -26.35 -15.16 -6.57
N ASN A 136 -27.68 -15.23 -6.53
CA ASN A 136 -28.41 -15.15 -5.29
C ASN A 136 -28.66 -16.55 -4.79
N PRO A 137 -28.31 -16.82 -3.52
CA PRO A 137 -28.47 -18.16 -2.95
C PRO A 137 -29.91 -18.58 -2.87
N PHE A 138 -30.83 -17.63 -3.02
CA PHE A 138 -32.23 -17.92 -3.15
C PHE A 138 -32.47 -19.13 -4.06
N TYR A 139 -32.11 -19.01 -5.34
CA TYR A 139 -32.43 -20.05 -6.31
C TYR A 139 -31.70 -21.37 -6.14
N GLY A 140 -30.87 -21.47 -5.10
CA GLY A 140 -30.13 -22.70 -4.80
C GLY A 140 -29.02 -22.99 -5.78
N LEU A 141 -28.75 -22.04 -6.68
CA LEU A 141 -27.75 -22.21 -7.68
C LEU A 141 -26.39 -21.98 -7.02
N PHE A 142 -26.35 -21.00 -6.14
CA PHE A 142 -25.15 -20.70 -5.41
C PHE A 142 -25.55 -20.61 -3.97
N GLU A 143 -24.57 -20.45 -3.10
CA GLU A 143 -24.80 -20.35 -1.67
C GLU A 143 -23.70 -19.52 -1.07
N TYR A 144 -24.04 -18.66 -0.13
CA TYR A 144 -23.03 -17.97 0.67
C TYR A 144 -22.21 -19.01 1.41
N SER A 145 -20.91 -19.02 1.16
CA SER A 145 -19.97 -19.94 1.82
C SER A 145 -20.14 -19.94 3.33
N ALA A 146 -20.26 -18.74 3.89
CA ALA A 146 -20.52 -18.60 5.31
C ALA A 146 -21.57 -17.53 5.57
N TYR A 147 -22.00 -17.43 6.83
CA TYR A 147 -22.96 -16.41 7.25
C TYR A 147 -22.28 -15.06 7.45
N ASP A 148 -20.95 -15.08 7.37
CA ASP A 148 -20.10 -13.91 7.60
C ASP A 148 -19.73 -13.25 6.28
N ASN A 149 -18.97 -13.97 5.47
CA ASN A 149 -18.58 -13.45 4.18
C ASN A 149 -19.71 -13.66 3.16
N TYR A 150 -20.07 -12.59 2.46
CA TYR A 150 -21.17 -12.65 1.50
C TYR A 150 -20.71 -12.95 0.08
N THR A 151 -19.51 -13.49 -0.01
CA THR A 151 -19.06 -14.15 -1.24
C THR A 151 -19.73 -15.51 -1.42
N ILE A 152 -19.93 -15.90 -2.68
CA ILE A 152 -20.71 -17.08 -2.99
C ILE A 152 -19.87 -18.19 -3.60
N GLN A 153 -20.48 -19.37 -3.72
CA GLN A 153 -19.83 -20.51 -4.36
C GLN A 153 -20.94 -21.50 -4.75
N ILE A 154 -20.60 -22.47 -5.59
CA ILE A 154 -21.60 -23.40 -6.11
C ILE A 154 -22.24 -24.19 -4.99
N ASN A 155 -23.56 -24.13 -4.91
CA ASN A 155 -24.29 -24.97 -3.98
C ASN A 155 -24.36 -26.40 -4.50
N PRO A 156 -23.79 -27.37 -3.75
CA PRO A 156 -23.82 -28.77 -4.15
C PRO A 156 -25.23 -29.35 -4.12
N ASN A 157 -26.17 -28.67 -3.46
CA ASN A 157 -27.55 -29.13 -3.38
C ASN A 157 -28.41 -28.60 -4.50
N SER A 158 -27.78 -28.02 -5.52
CA SER A 158 -28.50 -27.40 -6.62
C SER A 158 -29.36 -28.41 -7.40
N GLY A 159 -28.94 -29.66 -7.35
CA GLY A 159 -29.54 -30.72 -8.14
C GLY A 159 -30.91 -31.21 -7.71
N ILE A 160 -31.44 -30.60 -6.66
CA ILE A 160 -32.81 -30.87 -6.24
C ILE A 160 -33.74 -30.43 -7.34
N ASN A 161 -33.24 -29.52 -8.17
CA ASN A 161 -33.93 -29.11 -9.35
C ASN A 161 -33.36 -29.79 -10.54
N PRO A 162 -34.09 -30.76 -11.10
CA PRO A 162 -33.55 -31.57 -12.19
C PRO A 162 -32.89 -30.79 -13.33
N GLU A 163 -33.47 -29.66 -13.73
CA GLU A 163 -32.91 -28.88 -14.81
C GLU A 163 -31.76 -27.92 -14.40
N HIS A 164 -31.15 -28.18 -13.24
CA HIS A 164 -30.20 -27.22 -12.64
C HIS A 164 -28.90 -27.04 -13.39
N LEU A 165 -28.45 -28.10 -14.07
CA LEU A 165 -27.26 -28.05 -14.91
C LEU A 165 -27.45 -27.12 -16.11
N ASN A 166 -28.68 -26.82 -16.47
CA ASN A 166 -28.95 -25.90 -17.54
C ASN A 166 -28.76 -24.49 -17.08
N TYR A 167 -29.34 -24.18 -15.94
CA TYR A 167 -29.18 -22.86 -15.34
C TYR A 167 -27.69 -22.49 -15.23
N PHE A 168 -26.88 -23.44 -14.81
CA PHE A 168 -25.43 -23.20 -14.81
C PHE A 168 -24.83 -22.87 -16.17
N LYS A 169 -25.12 -23.69 -17.19
CA LYS A 169 -24.69 -23.38 -18.55
C LYS A 169 -25.11 -21.97 -18.96
N PHE A 170 -26.36 -21.61 -18.66
CA PHE A 170 -26.86 -20.27 -18.88
C PHE A 170 -26.05 -19.21 -18.13
N ILE A 171 -25.78 -19.47 -16.85
CA ILE A 171 -25.00 -18.52 -16.06
C ILE A 171 -23.59 -18.35 -16.65
N GLY A 172 -22.95 -19.48 -16.93
CA GLY A 172 -21.66 -19.49 -17.61
C GLY A 172 -21.64 -18.73 -18.94
N ARG A 173 -22.68 -18.91 -19.76
CA ARG A 173 -22.86 -18.07 -20.91
C ARG A 173 -22.87 -16.61 -20.54
N VAL A 174 -23.52 -16.30 -19.44
CA VAL A 174 -23.77 -14.91 -19.08
C VAL A 174 -22.52 -14.25 -18.48
N VAL A 175 -21.82 -15.02 -17.67
CA VAL A 175 -20.60 -14.51 -17.08
C VAL A 175 -19.60 -14.27 -18.19
N GLY A 176 -19.57 -15.18 -19.17
CA GLY A 176 -18.69 -15.06 -20.32
C GLY A 176 -19.11 -13.95 -21.25
N LEU A 177 -20.40 -13.72 -21.31
CA LEU A 177 -20.97 -12.72 -22.20
C LEU A 177 -20.62 -11.33 -21.69
N GLY A 178 -20.45 -11.22 -20.38
CA GLY A 178 -20.15 -9.95 -19.73
C GLY A 178 -18.69 -9.68 -19.91
N VAL A 179 -17.90 -10.74 -19.88
CA VAL A 179 -16.48 -10.65 -20.21
C VAL A 179 -16.30 -10.33 -21.69
N PHE A 180 -17.14 -10.92 -22.54
CA PHE A 180 -17.03 -10.77 -23.98
C PHE A 180 -17.44 -9.39 -24.42
N HIS A 181 -18.51 -8.87 -23.87
CA HIS A 181 -18.98 -7.56 -24.30
C HIS A 181 -18.65 -6.45 -23.34
N ARG A 182 -17.61 -6.67 -22.55
CA ARG A 182 -17.02 -5.65 -21.68
C ARG A 182 -18.04 -5.13 -20.70
N ARG A 183 -18.72 -6.07 -20.04
CA ARG A 183 -19.72 -5.74 -19.05
C ARG A 183 -19.40 -6.40 -17.70
N PHE A 184 -19.50 -5.60 -16.63
CA PHE A 184 -19.20 -6.07 -15.29
C PHE A 184 -20.35 -6.85 -14.65
N LEU A 185 -19.97 -7.76 -13.77
CA LEU A 185 -20.93 -8.58 -13.10
C LEU A 185 -20.73 -8.41 -11.60
N ASP A 186 -21.84 -8.47 -10.84
CA ASP A 186 -21.79 -8.59 -9.37
C ASP A 186 -21.31 -9.99 -9.00
N ALA A 187 -20.14 -10.35 -9.50
CA ALA A 187 -19.53 -11.60 -9.15
C ALA A 187 -18.75 -11.38 -7.86
N PHE A 188 -19.31 -11.89 -6.78
CA PHE A 188 -18.58 -12.00 -5.54
C PHE A 188 -18.22 -13.48 -5.30
N PHE A 189 -17.42 -14.06 -6.18
CA PHE A 189 -17.08 -15.46 -6.04
C PHE A 189 -16.04 -15.67 -4.95
N VAL A 190 -15.98 -16.87 -4.39
CA VAL A 190 -14.84 -17.31 -3.59
C VAL A 190 -13.61 -17.41 -4.47
N GLY A 191 -12.45 -17.09 -3.90
CA GLY A 191 -11.21 -17.13 -4.64
C GLY A 191 -10.89 -18.41 -5.40
N ALA A 192 -11.44 -19.53 -4.94
CA ALA A 192 -11.12 -20.82 -5.50
C ALA A 192 -11.84 -21.04 -6.84
N LEU A 193 -12.94 -20.33 -7.03
CA LEU A 193 -13.72 -20.51 -8.24
C LEU A 193 -12.97 -19.94 -9.45
N TYR A 194 -12.34 -18.80 -9.27
CA TYR A 194 -11.56 -18.20 -10.34
C TYR A 194 -10.39 -19.10 -10.76
N LYS A 195 -9.75 -19.75 -9.78
CA LYS A 195 -8.78 -20.78 -10.09
C LYS A 195 -9.34 -21.87 -11.01
N MET A 196 -10.51 -22.39 -10.66
CA MET A 196 -11.17 -23.39 -11.49
C MET A 196 -11.52 -22.89 -12.88
N MET A 197 -11.85 -21.60 -12.98
CA MET A 197 -12.10 -20.99 -14.28
C MET A 197 -10.83 -20.87 -15.13
N LEU A 198 -9.67 -21.02 -14.49
CA LEU A 198 -8.40 -20.97 -15.18
C LEU A 198 -7.72 -22.33 -15.22
N ARG A 199 -8.39 -23.35 -14.71
CA ARG A 199 -7.90 -24.74 -14.71
C ARG A 199 -6.62 -24.90 -13.89
N LYS A 200 -6.41 -23.97 -12.97
CA LYS A 200 -5.33 -24.04 -12.00
C LYS A 200 -5.72 -24.94 -10.84
N LYS A 201 -4.79 -25.77 -10.40
CA LYS A 201 -5.04 -26.70 -9.30
C LYS A 201 -5.46 -25.97 -8.00
N VAL A 202 -6.47 -26.49 -7.28
CA VAL A 202 -6.88 -25.88 -6.00
C VAL A 202 -6.10 -26.45 -4.80
N VAL A 203 -5.56 -25.55 -3.99
CA VAL A 203 -4.72 -25.97 -2.88
C VAL A 203 -5.46 -25.77 -1.57
N LEU A 204 -4.95 -26.40 -0.51
CA LEU A 204 -5.62 -26.43 0.79
C LEU A 204 -5.94 -25.03 1.34
N GLN A 205 -5.21 -24.04 0.86
CA GLN A 205 -5.49 -22.65 1.22
C GLN A 205 -6.92 -22.25 0.86
N ASP A 206 -7.37 -22.73 -0.29
CA ASP A 206 -8.73 -22.46 -0.77
C ASP A 206 -9.82 -22.82 0.23
N MET A 207 -9.61 -23.89 0.98
CA MET A 207 -10.58 -24.37 1.96
C MET A 207 -10.94 -23.30 2.99
N GLU A 208 -10.08 -22.29 3.09
CA GLU A 208 -10.34 -21.17 3.99
C GLU A 208 -11.59 -20.40 3.57
N GLY A 209 -11.55 -19.87 2.34
CA GLY A 209 -12.67 -19.14 1.77
C GLY A 209 -13.92 -19.96 1.55
N VAL A 210 -13.75 -21.26 1.31
CA VAL A 210 -14.88 -22.18 1.16
C VAL A 210 -15.45 -22.53 2.51
N ASP A 211 -14.74 -23.37 3.26
CA ASP A 211 -15.22 -23.83 4.57
C ASP A 211 -14.18 -23.48 5.62
N ALA A 212 -14.32 -22.30 6.21
CA ALA A 212 -13.37 -21.77 7.19
C ALA A 212 -13.16 -22.69 8.40
N GLU A 213 -14.12 -23.60 8.61
CA GLU A 213 -14.04 -24.57 9.70
C GLU A 213 -13.10 -25.76 9.39
N VAL A 214 -13.44 -26.52 8.35
CA VAL A 214 -12.69 -27.69 7.87
C VAL A 214 -11.25 -27.29 7.49
N TYR A 215 -11.09 -26.06 7.03
CA TYR A 215 -9.78 -25.47 6.79
C TYR A 215 -8.82 -25.63 7.97
N ASN A 216 -9.13 -24.97 9.09
CA ASN A 216 -8.29 -25.01 10.29
C ASN A 216 -8.03 -26.43 10.78
N SER A 217 -9.04 -27.29 10.60
CA SER A 217 -8.89 -28.70 10.94
C SER A 217 -7.85 -29.40 10.06
N LEU A 218 -7.98 -29.25 8.74
CA LEU A 218 -7.08 -29.91 7.81
C LEU A 218 -5.65 -29.39 7.96
N ASN A 219 -5.56 -28.11 8.36
CA ASN A 219 -4.26 -27.45 8.54
C ASN A 219 -3.66 -27.74 9.91
N TRP A 220 -4.21 -28.74 10.59
CA TRP A 220 -3.71 -29.14 11.90
C TRP A 220 -3.10 -30.53 11.82
N MET A 221 -3.62 -31.35 10.92
CA MET A 221 -3.15 -32.72 10.77
C MET A 221 -1.90 -32.78 9.92
N LEU A 222 -1.44 -31.62 9.46
CA LEU A 222 -0.25 -31.55 8.64
C LEU A 222 0.99 -31.21 9.45
N GLU A 223 0.79 -30.51 10.56
CA GLU A 223 1.89 -30.05 11.39
C GLU A 223 1.91 -30.77 12.74
N ASN A 224 0.75 -30.91 13.35
CA ASN A 224 0.66 -31.56 14.66
C ASN A 224 0.73 -33.08 14.58
N SER A 225 0.41 -33.70 15.71
CA SER A 225 0.33 -35.15 15.83
C SER A 225 -0.96 -35.70 15.20
N ILE A 226 -1.03 -37.01 15.00
CA ILE A 226 -2.23 -37.60 14.40
C ILE A 226 -2.71 -38.91 15.06
N ASP A 227 -1.85 -39.91 15.11
CA ASP A 227 -2.23 -41.19 15.71
C ASP A 227 -2.49 -41.10 17.19
N GLY A 228 -3.53 -41.79 17.62
CA GLY A 228 -4.03 -41.65 18.97
C GLY A 228 -4.76 -40.34 19.21
N VAL A 229 -4.88 -39.52 18.17
CA VAL A 229 -5.69 -38.32 18.23
C VAL A 229 -6.94 -38.39 17.31
N LEU A 230 -6.75 -38.81 16.06
CA LEU A 230 -7.87 -38.93 15.10
C LEU A 230 -7.74 -40.10 14.11
N ASP A 231 -8.85 -40.80 13.88
CA ASP A 231 -8.85 -41.96 12.98
C ASP A 231 -9.84 -41.78 11.83
N LEU A 232 -9.38 -42.01 10.61
CA LEU A 232 -10.17 -41.78 9.41
C LEU A 232 -9.65 -42.61 8.25
N THR A 233 -10.39 -42.61 7.15
CA THR A 233 -9.97 -43.34 5.96
C THR A 233 -10.00 -42.41 4.75
N PHE A 234 -9.64 -42.93 3.58
CA PHE A 234 -9.64 -42.14 2.35
C PHE A 234 -11.06 -42.02 1.81
N SER A 235 -12.00 -41.72 2.70
CA SER A 235 -13.40 -41.57 2.35
C SER A 235 -13.99 -40.41 3.14
N ALA A 236 -15.06 -39.83 2.61
CA ALA A 236 -15.67 -38.67 3.24
C ALA A 236 -17.17 -38.84 3.31
N ASP A 237 -17.83 -37.89 3.98
CA ASP A 237 -19.28 -37.92 4.12
C ASP A 237 -19.93 -36.75 3.41
N ASP A 238 -20.83 -37.07 2.49
CA ASP A 238 -21.47 -36.04 1.67
C ASP A 238 -22.90 -35.78 2.18
N GLU A 239 -23.08 -34.64 2.83
CA GLU A 239 -24.40 -34.26 3.32
C GLU A 239 -25.26 -33.63 2.23
N ARG A 240 -26.30 -34.36 1.84
CA ARG A 240 -27.25 -33.91 0.83
C ARG A 240 -28.69 -34.28 1.19
N PHE A 241 -29.43 -33.27 1.66
CA PHE A 241 -30.86 -33.37 1.90
C PHE A 241 -31.24 -34.21 3.09
N GLY A 242 -30.40 -34.20 4.11
CA GLY A 242 -30.74 -34.86 5.34
C GLY A 242 -30.14 -36.24 5.38
N GLU A 243 -29.81 -36.76 4.20
CA GLU A 243 -29.15 -38.05 4.12
C GLU A 243 -27.65 -37.88 3.89
N VAL A 244 -26.89 -38.95 4.09
CA VAL A 244 -25.45 -38.87 3.95
C VAL A 244 -24.96 -40.03 3.09
N VAL A 245 -23.87 -39.79 2.36
CA VAL A 245 -23.25 -40.83 1.55
C VAL A 245 -21.71 -40.75 1.53
N THR A 246 -21.11 -41.86 1.94
CA THR A 246 -19.66 -42.01 2.00
C THR A 246 -19.06 -42.28 0.61
N VAL A 247 -18.12 -41.43 0.21
CA VAL A 247 -17.47 -41.59 -1.07
C VAL A 247 -15.99 -41.83 -0.91
N ASP A 248 -15.43 -42.65 -1.79
CA ASP A 248 -13.99 -42.91 -1.79
C ASP A 248 -13.23 -41.73 -2.39
N LEU A 249 -12.23 -41.25 -1.66
CA LEU A 249 -11.36 -40.19 -2.17
C LEU A 249 -10.39 -40.72 -3.22
N LYS A 250 -10.34 -42.05 -3.35
CA LYS A 250 -9.49 -42.73 -4.33
C LYS A 250 -9.90 -44.20 -4.36
N PRO A 251 -9.49 -44.98 -5.39
CA PRO A 251 -9.90 -46.39 -5.44
C PRO A 251 -9.65 -47.13 -4.13
N ASP A 252 -10.71 -47.70 -3.57
CA ASP A 252 -10.67 -48.44 -2.31
C ASP A 252 -10.27 -47.54 -1.12
N GLY A 253 -10.92 -46.40 -1.01
CA GLY A 253 -10.56 -45.42 0.00
C GLY A 253 -11.10 -45.65 1.41
N ARG A 254 -12.28 -46.23 1.51
CA ARG A 254 -12.92 -46.43 2.81
C ARG A 254 -12.21 -47.48 3.66
N ASN A 255 -11.15 -48.07 3.13
CA ASN A 255 -10.41 -49.11 3.82
C ASN A 255 -9.00 -48.67 4.19
N ILE A 256 -8.39 -47.87 3.33
CA ILE A 256 -7.04 -47.36 3.54
C ILE A 256 -7.03 -46.25 4.59
N GLU A 257 -6.70 -46.62 5.83
CA GLU A 257 -6.70 -45.67 6.95
C GLU A 257 -5.72 -44.52 6.74
N VAL A 258 -5.83 -43.50 7.59
CA VAL A 258 -4.96 -42.33 7.55
C VAL A 258 -4.32 -42.13 8.91
N THR A 259 -3.04 -41.74 8.93
CA THR A 259 -2.26 -41.57 10.14
C THR A 259 -1.26 -40.42 9.94
N ASP A 260 -0.36 -40.19 10.90
CA ASP A 260 0.71 -39.20 10.74
C ASP A 260 1.61 -39.46 9.51
N GLY A 261 1.50 -40.65 8.91
CA GLY A 261 2.24 -40.97 7.69
C GLY A 261 1.43 -40.89 6.41
N ASN A 262 0.16 -40.54 6.53
CA ASN A 262 -0.76 -40.44 5.38
C ASN A 262 -1.09 -38.98 5.03
N LYS A 263 -1.01 -38.12 6.04
CA LYS A 263 -1.63 -36.81 6.05
C LYS A 263 -1.52 -36.00 4.76
N LYS A 264 -0.38 -36.10 4.08
CA LYS A 264 -0.17 -35.36 2.84
C LYS A 264 -1.19 -35.78 1.79
N GLU A 265 -1.46 -37.07 1.74
CA GLU A 265 -2.45 -37.64 0.82
C GLU A 265 -3.90 -37.25 1.11
N TYR A 266 -4.41 -37.66 2.26
CA TYR A 266 -5.80 -37.37 2.63
C TYR A 266 -6.12 -35.89 2.45
N VAL A 267 -5.34 -35.04 3.11
CA VAL A 267 -5.54 -33.60 3.03
C VAL A 267 -5.55 -33.14 1.57
N GLU A 268 -4.77 -33.80 0.73
CA GLU A 268 -4.68 -33.41 -0.67
C GLU A 268 -5.75 -34.12 -1.51
N LEU A 269 -6.51 -35.02 -0.89
CA LEU A 269 -7.60 -35.65 -1.60
C LEU A 269 -8.94 -35.12 -1.14
N TYR A 270 -9.03 -34.79 0.13
CA TYR A 270 -10.23 -34.18 0.65
C TYR A 270 -10.46 -32.81 0.01
N THR A 271 -9.43 -31.99 0.03
CA THR A 271 -9.51 -30.65 -0.55
C THR A 271 -10.04 -30.72 -1.97
N GLN A 272 -9.44 -31.58 -2.79
CA GLN A 272 -9.84 -31.73 -4.18
C GLN A 272 -11.27 -32.29 -4.30
N TRP A 273 -11.73 -32.94 -3.24
CA TRP A 273 -13.11 -33.43 -3.26
C TRP A 273 -14.17 -32.39 -2.84
N ARG A 274 -14.05 -31.87 -1.63
CA ARG A 274 -15.00 -30.89 -1.15
C ARG A 274 -15.13 -29.70 -2.09
N ILE A 275 -14.00 -29.12 -2.48
CA ILE A 275 -14.01 -27.92 -3.31
C ILE A 275 -14.32 -28.17 -4.79
N VAL A 276 -13.61 -29.10 -5.41
CA VAL A 276 -13.77 -29.31 -6.85
C VAL A 276 -14.81 -30.37 -7.20
N ASP A 277 -14.51 -31.62 -6.87
CA ASP A 277 -15.23 -32.74 -7.45
C ASP A 277 -16.68 -32.74 -7.09
N ARG A 278 -16.95 -32.37 -5.85
CA ARG A 278 -18.29 -32.44 -5.28
C ARG A 278 -19.29 -31.67 -6.12
N VAL A 279 -18.80 -30.67 -6.85
CA VAL A 279 -19.60 -29.88 -7.78
C VAL A 279 -19.06 -30.01 -9.21
N GLN A 280 -18.59 -31.21 -9.53
CA GLN A 280 -18.08 -31.52 -10.86
C GLN A 280 -19.08 -31.30 -11.99
N GLU A 281 -20.32 -31.77 -11.80
CA GLU A 281 -21.38 -31.62 -12.79
C GLU A 281 -21.80 -30.17 -12.98
N GLN A 282 -22.07 -29.51 -11.86
CA GLN A 282 -22.49 -28.12 -11.89
C GLN A 282 -21.45 -27.26 -12.55
N PHE A 283 -20.19 -27.43 -12.15
CA PHE A 283 -19.11 -26.60 -12.66
C PHE A 283 -18.75 -27.00 -14.09
N LYS A 284 -18.84 -28.31 -14.39
CA LYS A 284 -18.60 -28.79 -15.77
C LYS A 284 -19.51 -28.08 -16.74
N ALA A 285 -20.79 -27.99 -16.39
CA ALA A 285 -21.78 -27.32 -17.21
C ALA A 285 -21.51 -25.82 -17.31
N PHE A 286 -21.14 -25.21 -16.20
CA PHE A 286 -20.91 -23.78 -16.12
C PHE A 286 -19.86 -23.28 -17.11
N MET A 287 -18.75 -24.01 -17.17
CA MET A 287 -17.63 -23.68 -18.04
C MET A 287 -17.92 -24.03 -19.48
N ASP A 288 -18.75 -25.07 -19.67
CA ASP A 288 -19.32 -25.41 -20.95
C ASP A 288 -20.05 -24.21 -21.56
N GLY A 289 -20.68 -23.41 -20.73
CA GLY A 289 -21.32 -22.19 -21.19
C GLY A 289 -20.40 -20.98 -21.27
N PHE A 290 -19.55 -20.82 -20.27
CA PHE A 290 -18.55 -19.76 -20.26
C PHE A 290 -17.60 -19.91 -21.44
N ASN A 291 -17.31 -21.16 -21.79
CA ASN A 291 -16.45 -21.46 -22.96
C ASN A 291 -17.06 -21.29 -24.35
N GLU A 292 -18.37 -21.26 -24.47
CA GLU A 292 -19.00 -21.04 -25.77
C GLU A 292 -18.63 -19.65 -26.26
N LEU A 293 -18.23 -18.79 -25.33
CA LEU A 293 -17.87 -17.41 -25.65
C LEU A 293 -16.41 -17.05 -25.41
N ILE A 294 -15.84 -17.50 -24.30
CA ILE A 294 -14.48 -17.12 -23.91
C ILE A 294 -13.61 -18.35 -23.98
N PRO A 295 -12.76 -18.42 -25.02
CA PRO A 295 -11.91 -19.59 -25.23
C PRO A 295 -11.02 -19.83 -24.02
N GLU A 296 -11.02 -21.04 -23.50
CA GLU A 296 -10.26 -21.35 -22.29
C GLU A 296 -8.81 -20.92 -22.44
N ASP A 297 -8.19 -21.39 -23.52
CA ASP A 297 -6.78 -21.09 -23.81
C ASP A 297 -6.48 -19.59 -23.97
N LEU A 298 -7.52 -18.75 -23.89
CA LEU A 298 -7.35 -17.30 -23.91
C LEU A 298 -7.43 -16.64 -22.53
N VAL A 299 -8.47 -16.97 -21.78
CA VAL A 299 -8.67 -16.38 -20.47
C VAL A 299 -7.51 -16.73 -19.54
N THR A 300 -6.81 -17.83 -19.86
CA THR A 300 -5.72 -18.31 -19.00
C THR A 300 -4.48 -17.41 -19.02
N VAL A 301 -4.55 -16.30 -19.75
CA VAL A 301 -3.50 -15.29 -19.68
C VAL A 301 -3.52 -14.58 -18.30
N PHE A 302 -4.59 -14.74 -17.55
CA PHE A 302 -4.72 -14.05 -16.28
C PHE A 302 -4.44 -15.01 -15.14
N ASP A 303 -4.05 -14.48 -13.98
CA ASP A 303 -4.04 -15.27 -12.77
C ASP A 303 -5.40 -15.12 -12.07
N GLU A 304 -5.62 -15.93 -11.03
CA GLU A 304 -6.89 -15.96 -10.33
C GLU A 304 -7.40 -14.57 -9.98
N ARG A 305 -6.49 -13.68 -9.59
CA ARG A 305 -6.91 -12.32 -9.20
C ARG A 305 -7.40 -11.52 -10.38
N GLU A 306 -6.59 -11.44 -11.42
CA GLU A 306 -6.91 -10.66 -12.61
C GLU A 306 -8.26 -11.08 -13.23
N LEU A 307 -8.51 -12.38 -13.27
CA LEU A 307 -9.77 -12.91 -13.77
C LEU A 307 -10.93 -12.37 -12.96
N GLU A 308 -10.80 -12.45 -11.65
CA GLU A 308 -11.82 -11.93 -10.76
C GLU A 308 -12.07 -10.45 -10.99
N LEU A 309 -11.07 -9.74 -11.42
CA LEU A 309 -11.23 -8.32 -11.61
C LEU A 309 -11.84 -8.08 -12.96
N LEU A 310 -11.50 -8.95 -13.91
CA LEU A 310 -11.92 -8.82 -15.29
C LEU A 310 -13.40 -9.03 -15.34
N ILE A 311 -13.86 -10.06 -14.63
CA ILE A 311 -15.28 -10.40 -14.62
C ILE A 311 -16.13 -9.34 -13.94
N GLY A 312 -15.63 -8.82 -12.83
CA GLY A 312 -16.47 -8.12 -11.89
C GLY A 312 -16.09 -6.69 -11.53
N GLY A 313 -15.01 -6.19 -12.10
CA GLY A 313 -14.55 -4.84 -11.79
C GLY A 313 -14.31 -4.58 -10.31
N ILE A 314 -14.25 -3.31 -9.97
CA ILE A 314 -14.00 -2.91 -8.60
C ILE A 314 -15.29 -2.52 -7.92
N ALA A 315 -15.65 -3.28 -6.89
CA ALA A 315 -16.92 -3.11 -6.17
C ALA A 315 -16.90 -1.90 -5.22
N GLU A 316 -15.77 -1.69 -4.55
CA GLU A 316 -15.63 -0.59 -3.60
C GLU A 316 -15.32 0.73 -4.28
N ILE A 317 -16.26 1.67 -4.19
CA ILE A 317 -16.07 2.98 -4.82
C ILE A 317 -15.09 3.84 -4.06
N ASP A 318 -14.09 4.40 -4.76
CA ASP A 318 -13.16 5.36 -4.15
C ASP A 318 -13.65 6.80 -4.34
N ILE A 319 -14.10 7.40 -3.25
CA ILE A 319 -14.67 8.74 -3.28
C ILE A 319 -13.71 9.82 -3.80
N GLU A 320 -12.44 9.71 -3.41
CA GLU A 320 -11.45 10.71 -3.80
C GLU A 320 -11.00 10.57 -5.25
N ASP A 321 -11.13 9.37 -5.81
CA ASP A 321 -10.87 9.18 -7.23
C ASP A 321 -12.08 9.58 -8.04
N TRP A 322 -13.26 9.39 -7.46
CA TRP A 322 -14.47 9.76 -8.15
C TRP A 322 -14.52 11.27 -8.29
N LYS A 323 -14.16 11.96 -7.22
CA LYS A 323 -14.25 13.41 -7.20
C LYS A 323 -13.24 14.02 -8.14
N LYS A 324 -12.10 13.34 -8.25
CA LYS A 324 -11.00 13.80 -9.09
C LYS A 324 -11.27 13.64 -10.58
N HIS A 325 -12.25 12.80 -10.93
CA HIS A 325 -12.52 12.46 -12.32
C HIS A 325 -14.00 12.68 -12.65
N THR A 326 -14.56 13.77 -12.12
CA THR A 326 -15.91 14.19 -12.45
C THR A 326 -15.88 15.47 -13.28
N ASP A 327 -16.45 15.41 -14.47
CA ASP A 327 -16.59 16.60 -15.29
C ASP A 327 -17.81 17.42 -14.84
N TYR A 328 -17.68 18.74 -14.95
CA TYR A 328 -18.80 19.61 -14.60
C TYR A 328 -19.29 20.40 -15.80
N ARG A 329 -20.61 20.60 -15.87
CA ARG A 329 -21.21 21.38 -16.94
C ARG A 329 -22.19 22.39 -16.32
N GLY A 330 -21.89 23.68 -16.49
CA GLY A 330 -22.68 24.72 -15.87
C GLY A 330 -22.38 24.91 -14.40
N TYR A 331 -21.35 24.23 -13.91
CA TYR A 331 -20.89 24.36 -12.51
C TYR A 331 -19.37 24.48 -12.43
N GLN A 332 -18.91 25.09 -11.35
CA GLN A 332 -17.50 25.09 -11.02
C GLN A 332 -17.26 24.04 -9.92
N GLU A 333 -16.02 23.58 -9.78
CA GLU A 333 -15.68 22.57 -8.77
C GLU A 333 -15.84 23.07 -7.33
N SER A 334 -16.26 24.33 -7.18
CA SER A 334 -16.30 24.98 -5.87
C SER A 334 -17.64 25.65 -5.59
N ASP A 335 -18.68 25.19 -6.29
CA ASP A 335 -20.03 25.68 -6.02
C ASP A 335 -20.70 24.94 -4.86
N GLU A 336 -21.70 25.60 -4.26
CA GLU A 336 -22.37 25.11 -3.06
C GLU A 336 -23.03 23.76 -3.26
N VAL A 337 -23.68 23.60 -4.40
CA VAL A 337 -24.35 22.35 -4.71
C VAL A 337 -23.34 21.20 -4.85
N ILE A 338 -22.29 21.43 -5.63
CA ILE A 338 -21.27 20.41 -5.90
C ILE A 338 -20.57 19.99 -4.62
N GLN A 339 -20.03 20.98 -3.92
CA GLN A 339 -19.40 20.75 -2.63
C GLN A 339 -20.34 19.95 -1.71
N TRP A 340 -21.60 20.39 -1.65
CA TRP A 340 -22.65 19.65 -0.95
C TRP A 340 -22.82 18.23 -1.47
N PHE A 341 -22.87 18.08 -2.79
CA PHE A 341 -23.03 16.76 -3.37
C PHE A 341 -21.97 15.80 -2.82
N TRP A 342 -20.70 16.23 -2.89
CA TRP A 342 -19.60 15.37 -2.46
C TRP A 342 -19.64 15.17 -0.97
N LYS A 343 -20.29 16.09 -0.28
CA LYS A 343 -20.48 15.95 1.15
C LYS A 343 -21.43 14.78 1.44
N ALA A 344 -22.51 14.68 0.67
CA ALA A 344 -23.45 13.58 0.82
C ALA A 344 -22.75 12.27 0.60
N VAL A 345 -21.94 12.23 -0.45
CA VAL A 345 -21.17 11.03 -0.76
C VAL A 345 -20.28 10.60 0.41
N SER A 346 -19.51 11.55 0.96
CA SER A 346 -18.61 11.27 2.08
C SER A 346 -19.39 10.63 3.24
N GLU A 347 -20.53 11.22 3.56
CA GLU A 347 -21.37 10.71 4.63
C GLU A 347 -21.93 9.33 4.30
N TRP A 348 -22.35 9.15 3.06
CA TRP A 348 -22.95 7.89 2.67
C TRP A 348 -22.01 6.71 2.81
N ASP A 349 -22.54 5.57 3.26
CA ASP A 349 -21.76 4.34 3.21
C ASP A 349 -21.53 3.91 1.77
N ASN A 350 -20.72 2.87 1.55
CA ASN A 350 -20.50 2.32 0.20
C ASN A 350 -21.82 1.96 -0.52
N GLU A 351 -22.73 1.26 0.18
CA GLU A 351 -24.00 0.83 -0.42
C GLU A 351 -24.80 2.01 -0.92
N GLN A 352 -24.87 3.05 -0.10
CA GLN A 352 -25.55 4.28 -0.48
C GLN A 352 -24.90 4.92 -1.68
N ARG A 353 -23.58 4.75 -1.82
CA ARG A 353 -22.85 5.29 -2.95
C ARG A 353 -23.09 4.45 -4.19
N ALA A 354 -22.96 3.14 -4.02
CA ALA A 354 -23.14 2.19 -5.10
C ALA A 354 -24.50 2.36 -5.74
N ARG A 355 -25.53 2.54 -4.91
CA ARG A 355 -26.88 2.77 -5.38
C ARG A 355 -27.01 4.06 -6.18
N LEU A 356 -26.20 5.06 -5.84
CA LEU A 356 -26.19 6.32 -6.57
C LEU A 356 -25.53 6.14 -7.94
N LEU A 357 -24.48 5.33 -7.96
CA LEU A 357 -23.76 5.03 -9.19
C LEU A 357 -24.59 4.15 -10.10
N GLN A 358 -25.23 3.16 -9.49
CA GLN A 358 -26.19 2.29 -10.15
C GLN A 358 -27.31 3.11 -10.79
N PHE A 359 -27.63 4.23 -10.17
CA PHE A 359 -28.65 5.14 -10.66
C PHE A 359 -28.16 5.94 -11.85
N THR A 360 -26.95 6.47 -11.73
CA THR A 360 -26.43 7.42 -12.73
C THR A 360 -25.82 6.72 -13.92
N THR A 361 -25.11 5.63 -13.66
CA THR A 361 -24.43 4.95 -14.76
C THR A 361 -25.15 3.68 -15.18
N GLY A 362 -25.86 3.05 -14.25
CA GLY A 362 -26.52 1.80 -14.54
C GLY A 362 -25.93 0.64 -13.77
N THR A 363 -24.76 0.86 -13.19
CA THR A 363 -24.08 -0.18 -12.44
C THR A 363 -23.19 0.42 -11.36
N SER A 364 -22.83 -0.42 -10.39
CA SER A 364 -22.05 0.00 -9.23
C SER A 364 -20.60 -0.50 -9.35
N ARG A 365 -20.31 -1.21 -10.43
CA ARG A 365 -18.95 -1.62 -10.74
C ARG A 365 -18.15 -0.54 -11.44
N ILE A 366 -16.83 -0.61 -11.25
CA ILE A 366 -15.88 0.38 -11.73
C ILE A 366 -14.62 -0.37 -12.22
N PRO A 367 -14.00 0.11 -13.32
CA PRO A 367 -12.75 -0.47 -13.83
C PRO A 367 -11.58 -0.39 -12.83
N VAL A 368 -10.58 -1.26 -13.02
CA VAL A 368 -9.39 -1.30 -12.18
C VAL A 368 -8.62 0.00 -12.30
N ASN A 369 -8.64 0.62 -13.48
CA ASN A 369 -8.06 1.95 -13.69
C ASN A 369 -8.78 3.09 -12.96
N GLY A 370 -9.79 2.73 -12.17
CA GLY A 370 -10.59 3.71 -11.45
C GLY A 370 -11.54 4.48 -12.35
N PHE A 371 -12.04 5.59 -11.82
CA PHE A 371 -12.95 6.50 -12.52
C PHE A 371 -12.33 7.25 -13.68
N LYS A 372 -11.01 7.19 -13.79
CA LYS A 372 -10.29 7.83 -14.90
C LYS A 372 -10.80 7.27 -16.22
N ASP A 373 -11.21 6.01 -16.19
CA ASP A 373 -11.55 5.25 -17.39
C ASP A 373 -12.96 4.67 -17.29
N LEU A 374 -13.81 5.35 -16.52
CA LEU A 374 -15.21 4.96 -16.39
C LEU A 374 -15.82 4.84 -17.78
N GLN A 375 -16.49 3.72 -18.04
CA GLN A 375 -17.08 3.46 -19.36
C GLN A 375 -18.53 3.92 -19.43
N GLY A 376 -18.91 4.51 -20.56
CA GLY A 376 -20.29 4.78 -20.88
C GLY A 376 -20.82 3.75 -21.85
N SER A 377 -21.88 4.09 -22.56
CA SER A 377 -22.47 3.20 -23.56
C SER A 377 -21.60 3.13 -24.81
N ASP A 378 -21.26 4.31 -25.32
CA ASP A 378 -20.56 4.43 -26.58
C ASP A 378 -19.09 4.06 -26.41
N GLY A 379 -18.44 4.75 -25.49
CA GLY A 379 -17.03 4.57 -25.20
C GLY A 379 -16.76 5.24 -23.87
N PRO A 380 -15.59 5.85 -23.72
CA PRO A 380 -15.24 6.68 -22.55
C PRO A 380 -16.24 7.82 -22.30
N ARG A 381 -16.70 7.90 -21.05
CA ARG A 381 -17.62 8.93 -20.60
C ARG A 381 -17.35 9.13 -19.13
N ARG A 382 -16.78 10.27 -18.77
CA ARG A 382 -16.52 10.55 -17.37
C ARG A 382 -17.83 10.85 -16.64
N PHE A 383 -17.88 10.51 -15.35
CA PHE A 383 -19.01 10.88 -14.51
C PHE A 383 -19.23 12.38 -14.60
N THR A 384 -20.45 12.80 -14.89
CA THR A 384 -20.70 14.22 -15.15
C THR A 384 -21.84 14.79 -14.32
N ILE A 385 -21.61 15.95 -13.71
CA ILE A 385 -22.68 16.69 -13.05
C ILE A 385 -22.99 18.01 -13.77
N GLU A 386 -24.24 18.18 -14.21
CA GLU A 386 -24.63 19.35 -15.00
C GLU A 386 -25.72 20.17 -14.30
N LYS A 387 -25.65 21.49 -14.44
CA LYS A 387 -26.71 22.38 -13.95
C LYS A 387 -27.98 22.31 -14.80
N ALA A 388 -28.98 21.61 -14.29
CA ALA A 388 -30.27 21.55 -14.97
C ALA A 388 -31.39 21.18 -13.99
N GLY A 389 -32.62 21.51 -14.36
CA GLY A 389 -33.77 21.21 -13.53
C GLY A 389 -33.95 22.24 -12.42
N GLU A 390 -35.18 22.35 -11.92
CA GLU A 390 -35.51 23.33 -10.90
C GLU A 390 -35.36 22.76 -9.50
N VAL A 391 -35.45 23.64 -8.50
CA VAL A 391 -35.15 23.28 -7.13
C VAL A 391 -36.04 22.14 -6.61
N GLN A 392 -37.33 22.22 -6.89
CA GLN A 392 -38.26 21.20 -6.43
C GLN A 392 -38.20 19.93 -7.28
N GLN A 393 -37.37 19.97 -8.34
CA GLN A 393 -37.22 18.80 -9.21
C GLN A 393 -36.19 17.80 -8.71
N LEU A 394 -36.55 16.53 -8.79
CA LEU A 394 -35.64 15.46 -8.45
C LEU A 394 -34.44 15.47 -9.41
N PRO A 395 -33.27 15.04 -8.90
CA PRO A 395 -32.12 14.80 -9.76
C PRO A 395 -32.45 13.73 -10.81
N LYS A 396 -32.05 13.99 -12.05
CA LYS A 396 -32.29 13.05 -13.15
C LYS A 396 -30.98 12.48 -13.71
N SER A 397 -31.07 11.42 -14.50
CA SER A 397 -29.87 10.82 -15.06
C SER A 397 -30.05 10.25 -16.45
N HIS A 398 -28.93 10.09 -17.14
CA HIS A 398 -28.93 9.46 -18.44
C HIS A 398 -27.88 8.37 -18.41
N THR A 399 -28.32 7.14 -18.13
CA THR A 399 -27.38 6.06 -17.84
C THR A 399 -26.40 5.73 -18.96
N CYS A 400 -26.63 6.29 -20.13
CA CYS A 400 -25.71 6.11 -21.25
C CYS A 400 -24.64 7.22 -21.29
N PHE A 401 -24.88 8.30 -20.56
CA PHE A 401 -23.98 9.45 -20.63
C PHE A 401 -23.17 9.61 -19.35
N ASN A 402 -23.56 8.88 -18.32
CA ASN A 402 -22.99 9.04 -16.97
C ASN A 402 -23.14 10.44 -16.40
N ARG A 403 -24.25 11.11 -16.76
CA ARG A 403 -24.46 12.47 -16.28
C ARG A 403 -25.68 12.57 -15.40
N VAL A 404 -25.66 13.54 -14.50
CA VAL A 404 -26.79 13.80 -13.61
C VAL A 404 -27.15 15.30 -13.58
N ASP A 405 -28.30 15.64 -14.18
CA ASP A 405 -28.80 17.01 -14.18
C ASP A 405 -29.14 17.38 -12.74
N LEU A 406 -28.19 17.98 -12.03
CA LEU A 406 -28.41 18.34 -10.64
C LEU A 406 -28.85 19.79 -10.53
N PRO A 407 -30.12 20.02 -10.17
CA PRO A 407 -30.62 21.39 -10.01
C PRO A 407 -29.79 22.15 -8.97
N GLN A 408 -29.75 23.48 -9.06
CA GLN A 408 -28.97 24.24 -8.09
C GLN A 408 -29.81 24.54 -6.86
N TYR A 409 -29.93 23.54 -5.99
CA TYR A 409 -30.73 23.66 -4.79
C TYR A 409 -30.21 24.79 -3.92
N VAL A 410 -31.12 25.45 -3.22
CA VAL A 410 -30.80 26.66 -2.48
C VAL A 410 -30.05 26.33 -1.21
N ASP A 411 -30.37 25.18 -0.60
CA ASP A 411 -29.75 24.77 0.66
C ASP A 411 -29.36 23.29 0.69
N TYR A 412 -28.63 22.90 1.73
CA TYR A 412 -28.11 21.54 1.80
C TYR A 412 -29.20 20.53 2.05
N ASP A 413 -29.90 20.70 3.19
CA ASP A 413 -30.85 19.70 3.69
C ASP A 413 -31.93 19.38 2.67
N SER A 414 -32.24 20.37 1.83
CA SER A 414 -33.23 20.22 0.76
C SER A 414 -32.66 19.49 -0.44
N MET A 415 -31.37 19.65 -0.71
CA MET A 415 -30.74 18.96 -1.83
C MET A 415 -30.55 17.48 -1.49
N LYS A 416 -30.01 17.22 -0.32
CA LYS A 416 -29.75 15.86 0.13
C LYS A 416 -31.05 15.07 0.26
N GLN A 417 -32.17 15.78 0.27
CA GLN A 417 -33.49 15.15 0.34
C GLN A 417 -33.95 14.64 -1.03
N LYS A 418 -33.99 15.54 -2.02
CA LYS A 418 -34.43 15.17 -3.35
C LYS A 418 -33.44 14.22 -4.00
N LEU A 419 -32.16 14.31 -3.62
CA LEU A 419 -31.17 13.40 -4.17
C LEU A 419 -31.38 11.98 -3.68
N THR A 420 -32.00 11.86 -2.52
CA THR A 420 -32.15 10.55 -1.90
C THR A 420 -33.32 9.78 -2.49
N LEU A 421 -34.50 10.39 -2.49
CA LEU A 421 -35.70 9.78 -3.04
C LEU A 421 -35.52 9.47 -4.53
N ALA A 422 -34.60 10.17 -5.18
CA ALA A 422 -34.28 9.87 -6.58
C ALA A 422 -33.61 8.51 -6.74
N VAL A 423 -32.69 8.19 -5.83
CA VAL A 423 -31.94 6.93 -5.85
C VAL A 423 -32.69 5.83 -5.09
N GLU A 424 -33.38 6.24 -4.03
CA GLU A 424 -34.16 5.32 -3.23
C GLU A 424 -35.40 4.82 -3.97
N GLU A 425 -36.00 5.67 -4.79
CA GLU A 425 -37.21 5.26 -5.48
C GLU A 425 -36.97 4.67 -6.86
N THR A 426 -35.94 5.15 -7.55
CA THR A 426 -35.68 4.66 -8.91
C THR A 426 -35.04 3.29 -8.87
N ILE A 427 -34.02 3.16 -8.04
CA ILE A 427 -33.28 1.91 -7.93
C ILE A 427 -33.19 1.51 -6.46
N GLY A 428 -34.31 1.06 -5.92
CA GLY A 428 -34.44 0.87 -4.49
C GLY A 428 -33.78 -0.40 -3.98
N PHE A 429 -32.45 -0.49 -4.09
CA PHE A 429 -31.74 -1.70 -3.64
C PHE A 429 -31.80 -1.87 -2.12
N SER B 7 8.91 12.30 35.45
CA SER B 7 7.68 11.61 35.79
C SER B 7 7.93 10.13 36.03
N GLN B 8 7.62 9.31 35.02
CA GLN B 8 7.81 7.87 35.12
C GLN B 8 8.29 7.28 33.79
N LEU B 9 8.07 8.03 32.71
CA LEU B 9 8.49 7.59 31.37
C LEU B 9 9.80 8.25 30.95
N GLY B 10 9.90 9.55 31.21
CA GLY B 10 11.05 10.35 30.84
C GLY B 10 10.80 11.78 31.25
N PRO B 11 11.85 12.46 31.72
CA PRO B 11 11.80 13.92 31.95
C PRO B 11 11.67 14.71 30.65
N LEU B 12 10.87 15.76 30.69
CA LEU B 12 10.62 16.62 29.53
C LEU B 12 11.93 17.22 29.00
N PRO B 13 12.12 17.22 27.67
CA PRO B 13 13.33 17.77 27.05
C PRO B 13 13.42 19.29 27.23
N SER B 14 14.62 19.83 27.05
CA SER B 14 14.88 21.27 27.22
C SER B 14 13.89 22.16 26.48
N GLY B 15 13.39 23.18 27.19
CA GLY B 15 12.50 24.17 26.61
C GLY B 15 11.06 23.69 26.46
N TRP B 16 10.69 22.70 27.28
CA TRP B 16 9.34 22.16 27.28
C TRP B 16 8.71 22.21 28.67
N GLU B 17 7.39 22.06 28.70
CA GLU B 17 6.65 22.04 29.95
C GLU B 17 5.29 21.41 29.65
N MET B 18 4.75 20.72 30.66
CA MET B 18 3.43 20.11 30.57
C MET B 18 2.44 21.10 31.14
N ARG B 19 1.15 20.89 30.89
CA ARG B 19 0.10 21.77 31.36
C ARG B 19 -1.30 21.22 31.15
N LEU B 20 -2.28 21.88 31.76
CA LEU B 20 -3.65 21.42 31.73
C LEU B 20 -4.57 22.51 31.17
N THR B 21 -5.41 22.12 30.23
CA THR B 21 -6.49 22.99 29.78
C THR B 21 -7.51 23.22 30.92
N ASN B 22 -8.40 24.19 30.73
CA ASN B 22 -9.46 24.46 31.68
C ASN B 22 -10.42 23.27 31.83
N THR B 23 -10.09 22.18 31.14
CA THR B 23 -10.85 20.94 31.25
C THR B 23 -9.99 19.83 31.84
N ALA B 24 -8.79 20.20 32.30
CA ALA B 24 -7.81 19.26 32.84
C ALA B 24 -7.42 18.16 31.85
N ARG B 25 -7.18 18.56 30.62
CA ARG B 25 -6.63 17.65 29.61
C ARG B 25 -5.24 18.10 29.19
N VAL B 26 -4.28 17.18 29.33
CA VAL B 26 -2.87 17.48 29.15
C VAL B 26 -2.49 17.99 27.74
N TYR B 27 -1.79 19.12 27.70
CA TYR B 27 -1.22 19.65 26.48
C TYR B 27 0.20 20.10 26.80
N PHE B 28 1.00 20.34 25.76
CA PHE B 28 2.42 20.63 25.97
C PHE B 28 2.89 21.95 25.40
N VAL B 29 3.77 22.61 26.17
CA VAL B 29 4.30 23.90 25.80
C VAL B 29 5.75 23.76 25.35
N ASP B 30 6.00 24.11 24.10
CA ASP B 30 7.35 24.11 23.56
C ASP B 30 7.93 25.53 23.53
N HIS B 31 8.65 25.88 24.59
CA HIS B 31 9.19 27.22 24.73
C HIS B 31 10.13 27.55 23.56
N ASN B 32 10.62 26.52 22.90
CA ASN B 32 11.49 26.64 21.74
C ASN B 32 10.79 27.20 20.52
N THR B 33 9.83 26.45 19.98
CA THR B 33 9.19 26.84 18.73
C THR B 33 8.17 27.95 18.93
N LYS B 34 8.01 28.43 20.17
CA LYS B 34 6.93 29.37 20.49
C LYS B 34 5.60 28.81 19.99
N THR B 35 5.39 27.52 20.22
CA THR B 35 4.15 26.87 19.86
C THR B 35 3.88 25.71 20.80
N THR B 36 2.60 25.32 20.86
CA THR B 36 2.15 24.27 21.77
C THR B 36 1.53 23.10 21.01
N THR B 37 1.25 22.01 21.72
CA THR B 37 0.70 20.80 21.10
C THR B 37 0.09 19.80 22.08
N TRP B 38 -0.66 18.86 21.53
CA TRP B 38 -1.20 17.76 22.33
C TRP B 38 -0.14 16.67 22.56
N ASP B 39 0.63 16.38 21.52
CA ASP B 39 1.60 15.28 21.58
C ASP B 39 2.70 15.50 22.61
N ASP B 40 3.05 14.42 23.32
CA ASP B 40 4.13 14.41 24.29
C ASP B 40 5.45 14.26 23.53
N PRO B 41 6.31 15.28 23.58
CA PRO B 41 7.59 15.28 22.86
C PRO B 41 8.53 14.14 23.27
N ARG B 42 8.33 13.57 24.46
CA ARG B 42 9.06 12.39 24.93
C ARG B 42 8.57 11.11 24.28
N LEU B 43 7.62 11.23 23.35
CA LEU B 43 7.00 10.08 22.73
C LEU B 43 6.76 10.42 21.28
N PRO B 44 6.63 9.39 20.42
CA PRO B 44 6.42 9.61 18.99
C PRO B 44 5.15 10.40 18.70
N SER B 45 5.13 11.12 17.59
CA SER B 45 3.97 11.94 17.24
C SER B 45 2.77 11.08 16.86
N SER B 46 1.57 11.60 17.09
CA SER B 46 0.36 10.85 16.77
C SER B 46 0.20 10.67 15.26
N LEU B 47 -0.11 9.44 14.84
CA LEU B 47 -0.38 9.18 13.44
C LEU B 47 -1.73 9.80 13.02
N ASP B 48 -1.91 9.98 11.71
CA ASP B 48 -3.11 10.60 11.14
C ASP B 48 -3.21 10.28 9.65
N GLN B 49 -4.26 10.79 9.01
CA GLN B 49 -4.46 10.68 7.57
C GLN B 49 -4.47 9.23 7.04
N ASN B 50 -5.17 8.36 7.76
CA ASN B 50 -5.28 6.93 7.44
C ASN B 50 -3.93 6.20 7.41
N VAL B 51 -3.10 6.48 8.41
CA VAL B 51 -1.86 5.73 8.62
C VAL B 51 -2.16 4.24 8.82
N PRO B 52 -1.43 3.38 8.10
CA PRO B 52 -1.68 1.93 8.11
C PRO B 52 -1.66 1.40 9.53
N GLN B 53 -2.65 0.59 9.88
CA GLN B 53 -2.74 -0.01 11.20
C GLN B 53 -1.38 -0.53 11.69
N TYR B 54 -0.56 -1.06 10.78
CA TYR B 54 0.78 -1.50 11.12
C TYR B 54 1.61 -0.39 11.82
N LYS B 55 1.46 0.83 11.33
CA LYS B 55 2.35 1.94 11.70
C LYS B 55 1.83 2.58 12.98
N ARG B 56 0.49 2.67 13.02
CA ARG B 56 -0.24 2.99 14.24
C ARG B 56 0.10 1.98 15.32
N ASP B 57 0.11 0.70 14.95
CA ASP B 57 0.49 -0.36 15.89
C ASP B 57 1.93 -0.22 16.38
N PHE B 58 2.76 0.44 15.59
CA PHE B 58 4.15 0.59 15.97
C PHE B 58 4.24 1.58 17.13
N ARG B 59 3.71 2.78 16.90
CA ARG B 59 3.69 3.88 17.88
C ARG B 59 3.19 3.36 19.21
N ARG B 60 2.10 2.62 19.15
CA ARG B 60 1.47 1.99 20.30
C ARG B 60 2.46 1.16 21.10
N LYS B 61 3.15 0.25 20.42
CA LYS B 61 4.09 -0.64 21.07
C LYS B 61 5.34 0.10 21.52
N VAL B 62 5.62 1.24 20.89
CA VAL B 62 6.81 2.01 21.22
C VAL B 62 6.60 2.67 22.58
N ILE B 63 5.49 3.36 22.74
CA ILE B 63 5.11 3.94 24.04
C ILE B 63 5.03 2.87 25.13
N TYR B 64 4.51 1.69 24.79
CA TYR B 64 4.55 0.60 25.74
C TYR B 64 6.00 0.31 26.16
N PHE B 65 6.91 0.34 25.19
CA PHE B 65 8.28 -0.07 25.42
C PHE B 65 9.00 0.93 26.31
N ARG B 66 9.05 2.18 25.88
CA ARG B 66 9.86 3.16 26.55
C ARG B 66 9.30 3.60 27.91
N SER B 67 8.18 3.02 28.30
CA SER B 67 7.53 3.39 29.54
C SER B 67 7.87 2.40 30.64
N GLN B 68 8.32 1.21 30.27
CA GLN B 68 8.63 0.18 31.26
C GLN B 68 9.84 0.60 32.07
N PRO B 69 9.84 0.30 33.37
CA PRO B 69 10.93 0.68 34.27
C PRO B 69 12.31 0.23 33.79
N ALA B 70 12.31 -0.80 32.96
CA ALA B 70 13.55 -1.35 32.45
C ALA B 70 14.26 -0.45 31.43
N LEU B 71 13.53 0.49 30.85
CA LEU B 71 14.08 1.37 29.84
C LEU B 71 14.24 2.78 30.37
N ARG B 72 14.72 2.88 31.61
CA ARG B 72 14.81 4.18 32.28
C ARG B 72 16.25 4.66 32.35
N ILE B 73 16.50 5.85 31.82
CA ILE B 73 17.84 6.41 31.84
C ILE B 73 18.29 6.60 33.27
N LEU B 74 19.20 5.73 33.69
CA LEU B 74 19.71 5.76 35.04
C LEU B 74 20.39 7.10 35.32
N PRO B 75 20.47 7.49 36.59
CA PRO B 75 21.09 8.76 36.96
C PRO B 75 22.60 8.76 36.75
N GLY B 76 23.13 9.91 36.33
CA GLY B 76 24.55 10.07 36.06
C GLY B 76 24.83 10.34 34.60
N GLN B 77 26.10 10.42 34.25
CA GLN B 77 26.48 10.58 32.86
C GLN B 77 27.68 9.70 32.58
N LEU B 78 27.57 8.84 31.56
CA LEU B 78 28.72 8.05 31.09
C LEU B 78 29.48 8.82 30.02
N HIS B 79 30.81 8.75 30.11
CA HIS B 79 31.67 9.49 29.19
C HIS B 79 32.47 8.58 28.25
N ILE B 80 32.18 8.68 26.96
CA ILE B 80 32.92 7.94 25.95
C ILE B 80 33.78 8.90 25.11
N LYS B 81 35.08 8.63 25.05
CA LYS B 81 35.91 9.42 24.16
C LYS B 81 36.52 8.54 23.08
N VAL B 82 36.20 8.86 21.83
CA VAL B 82 36.71 8.09 20.70
C VAL B 82 37.22 9.01 19.59
N ARG B 83 38.26 8.59 18.88
CA ARG B 83 38.72 9.34 17.72
C ARG B 83 37.91 8.90 16.50
N ARG B 84 37.54 9.86 15.67
CA ARG B 84 36.69 9.56 14.53
C ARG B 84 37.32 8.51 13.59
N LYS B 85 38.63 8.60 13.38
CA LYS B 85 39.34 7.67 12.50
C LYS B 85 39.70 6.36 13.20
N ASN B 86 39.15 6.14 14.38
CA ASN B 86 39.39 4.92 15.15
C ASN B 86 38.13 4.49 15.89
N ILE B 87 36.99 5.04 15.48
CA ILE B 87 35.71 4.83 16.18
C ILE B 87 35.42 3.37 16.52
N PHE B 88 35.85 2.44 15.70
CA PHE B 88 35.53 1.05 15.97
C PHE B 88 36.32 0.46 17.14
N GLU B 89 37.64 0.52 17.05
CA GLU B 89 38.51 -0.15 18.02
C GLU B 89 38.63 0.65 19.29
N ASP B 90 38.31 1.93 19.18
CA ASP B 90 38.27 2.81 20.33
C ASP B 90 37.01 2.58 21.16
N ALA B 91 35.85 2.71 20.51
CA ALA B 91 34.57 2.48 21.14
C ALA B 91 34.58 1.12 21.81
N TYR B 92 35.18 0.12 21.19
CA TYR B 92 35.20 -1.18 21.82
C TYR B 92 35.80 -1.04 23.21
N GLN B 93 36.95 -0.38 23.33
CA GLN B 93 37.62 -0.24 24.61
C GLN B 93 36.79 0.64 25.52
N GLU B 94 36.37 1.80 25.01
CA GLU B 94 35.58 2.75 25.79
C GLU B 94 34.18 2.27 26.18
N ILE B 95 33.87 1.01 25.88
CA ILE B 95 32.52 0.47 26.15
C ILE B 95 32.56 -0.88 26.85
N MET B 96 33.45 -1.77 26.43
CA MET B 96 33.46 -3.11 26.99
C MET B 96 33.92 -3.11 28.42
N ARG B 97 34.50 -1.99 28.85
CA ARG B 97 34.99 -1.82 30.20
C ARG B 97 33.90 -1.30 31.16
N GLN B 98 32.75 -0.91 30.60
CA GLN B 98 31.66 -0.40 31.41
C GLN B 98 30.69 -1.51 31.74
N THR B 99 29.73 -1.18 32.59
CA THR B 99 28.73 -2.15 33.02
C THR B 99 27.42 -1.72 32.38
N PRO B 100 26.44 -2.64 32.31
CA PRO B 100 25.09 -2.28 31.86
C PRO B 100 24.52 -1.06 32.58
N GLU B 101 24.80 -0.92 33.88
CA GLU B 101 24.30 0.22 34.65
C GLU B 101 24.99 1.50 34.21
N ASP B 102 26.32 1.51 34.31
CA ASP B 102 27.08 2.67 33.89
C ASP B 102 26.62 3.07 32.50
N LEU B 103 26.32 2.08 31.67
CA LEU B 103 25.80 2.28 30.32
C LEU B 103 24.34 2.80 30.21
N LYS B 104 23.54 2.64 31.25
CA LYS B 104 22.17 3.15 31.17
C LYS B 104 22.03 4.62 31.55
N LYS B 105 23.08 5.17 32.16
CA LYS B 105 23.14 6.60 32.44
C LYS B 105 23.16 7.37 31.13
N ARG B 106 23.03 8.69 31.19
CA ARG B 106 23.04 9.50 29.98
C ARG B 106 24.38 9.33 29.28
N LEU B 107 24.41 9.45 27.96
CA LEU B 107 25.63 9.20 27.22
C LEU B 107 26.36 10.47 26.75
N MET B 108 27.62 10.59 27.12
CA MET B 108 28.43 11.70 26.66
C MET B 108 29.56 11.21 25.74
N ILE B 109 29.50 11.63 24.48
CA ILE B 109 30.45 11.16 23.52
C ILE B 109 31.35 12.29 23.08
N LYS B 110 32.65 11.99 23.07
CA LYS B 110 33.65 12.92 22.58
C LYS B 110 34.35 12.32 21.37
N PHE B 111 34.25 13.01 20.24
CA PHE B 111 35.11 12.74 19.09
C PHE B 111 36.47 13.44 19.26
N ASP B 112 37.44 12.73 19.84
CA ASP B 112 38.74 13.27 20.17
C ASP B 112 39.29 14.01 18.97
N GLY B 113 39.70 15.26 19.18
CA GLY B 113 40.25 16.09 18.11
C GLY B 113 39.21 16.91 17.38
N GLY B 120 27.84 17.90 23.35
CA GLY B 120 26.70 17.26 23.95
C GLY B 120 25.73 16.72 22.90
N GLY B 121 25.89 17.16 21.66
CA GLY B 121 25.01 16.77 20.58
C GLY B 121 25.72 15.93 19.55
N VAL B 122 26.41 14.89 20.03
CA VAL B 122 27.18 14.01 19.16
C VAL B 122 26.82 12.54 19.44
N SER B 123 25.52 12.26 19.54
CA SER B 123 25.07 10.90 19.87
C SER B 123 24.50 10.18 18.64
N ARG B 124 23.75 10.91 17.84
CA ARG B 124 23.15 10.36 16.63
C ARG B 124 24.25 10.12 15.61
N GLU B 125 25.41 10.68 15.87
CA GLU B 125 26.54 10.63 14.96
C GLU B 125 27.53 9.55 15.35
N PHE B 126 27.49 9.15 16.60
CA PHE B 126 28.33 8.07 17.07
C PHE B 126 27.87 6.72 16.51
N PHE B 127 26.60 6.38 16.77
CA PHE B 127 26.05 5.08 16.38
C PHE B 127 25.96 4.91 14.90
N PHE B 128 25.78 6.04 14.24
CA PHE B 128 25.73 6.03 12.81
C PHE B 128 27.09 5.68 12.23
N LEU B 129 28.13 6.45 12.55
CA LEU B 129 29.47 6.18 12.06
C LEU B 129 30.08 4.89 12.60
N LEU B 130 29.54 4.40 13.71
CA LEU B 130 30.07 3.20 14.32
C LEU B 130 29.46 1.94 13.73
N SER B 131 28.19 2.03 13.36
CA SER B 131 27.47 0.88 12.83
C SER B 131 28.07 0.43 11.51
N HIS B 132 28.38 1.38 10.65
CA HIS B 132 29.09 1.08 9.40
C HIS B 132 30.30 0.21 9.66
N GLU B 133 31.11 0.61 10.63
CA GLU B 133 32.27 -0.19 11.01
C GLU B 133 31.89 -1.60 11.50
N MET B 134 30.83 -1.69 12.30
CA MET B 134 30.47 -2.97 12.88
C MET B 134 29.97 -3.90 11.81
N PHE B 135 29.06 -3.36 11.01
CA PHE B 135 28.28 -4.13 10.05
C PHE B 135 28.93 -4.10 8.65
N ASN B 136 30.26 -4.09 8.61
CA ASN B 136 31.01 -4.18 7.38
C ASN B 136 31.65 -5.55 7.30
N PRO B 137 31.43 -6.29 6.18
CA PRO B 137 32.04 -7.62 6.03
C PRO B 137 33.57 -7.57 6.03
N PHE B 138 34.13 -6.40 5.75
CA PHE B 138 35.55 -6.20 5.82
C PHE B 138 36.15 -6.83 7.07
N TYR B 139 35.43 -6.78 8.18
CA TYR B 139 35.95 -7.25 9.45
C TYR B 139 35.73 -8.73 9.71
N GLY B 140 34.93 -9.35 8.84
CA GLY B 140 34.67 -10.79 8.91
C GLY B 140 33.72 -11.18 10.02
N LEU B 141 33.10 -10.19 10.64
CA LEU B 141 32.07 -10.40 11.65
C LEU B 141 30.73 -10.66 10.96
N PHE B 142 30.39 -9.80 10.01
CA PHE B 142 29.23 -9.96 9.17
C PHE B 142 29.64 -10.20 7.72
N GLU B 143 28.66 -10.52 6.88
CA GLU B 143 28.90 -10.77 5.49
C GLU B 143 27.70 -10.36 4.69
N TYR B 144 27.93 -9.78 3.51
CA TYR B 144 26.85 -9.52 2.57
C TYR B 144 26.26 -10.84 2.11
N SER B 145 24.93 -10.88 1.97
CA SER B 145 24.22 -12.07 1.49
C SER B 145 24.77 -12.55 0.14
N ALA B 146 25.26 -11.60 -0.66
CA ALA B 146 26.00 -11.90 -1.88
C ALA B 146 26.72 -10.66 -2.40
N TYR B 147 27.46 -10.82 -3.51
CA TYR B 147 28.17 -9.69 -4.13
C TYR B 147 27.21 -8.72 -4.82
N ASP B 148 25.92 -8.96 -4.63
CA ASP B 148 24.88 -8.10 -5.17
C ASP B 148 23.96 -7.60 -4.05
N ASN B 149 23.64 -8.47 -3.11
CA ASN B 149 22.77 -8.10 -1.98
C ASN B 149 23.36 -6.99 -1.12
N TYR B 150 22.49 -6.07 -0.74
CA TYR B 150 22.84 -4.86 -0.01
C TYR B 150 22.80 -5.07 1.50
N THR B 151 22.11 -6.13 1.92
CA THR B 151 21.98 -6.42 3.35
C THR B 151 23.13 -7.30 3.86
N ILE B 152 23.09 -7.63 5.15
CA ILE B 152 24.15 -8.45 5.78
C ILE B 152 23.61 -9.49 6.74
N GLN B 153 24.51 -10.30 7.27
CA GLN B 153 24.17 -11.37 8.19
C GLN B 153 25.46 -11.91 8.80
N ILE B 154 25.34 -12.73 9.84
CA ILE B 154 26.52 -13.22 10.55
C ILE B 154 27.37 -14.09 9.64
N ASN B 155 28.64 -13.69 9.48
CA ASN B 155 29.60 -14.51 8.75
C ASN B 155 30.06 -15.67 9.60
N PRO B 156 29.77 -16.90 9.14
CA PRO B 156 30.10 -18.12 9.87
C PRO B 156 31.61 -18.39 9.91
N ASN B 157 32.40 -17.53 9.26
CA ASN B 157 33.85 -17.67 9.24
C ASN B 157 34.53 -16.61 10.10
N SER B 158 33.78 -16.06 11.05
CA SER B 158 34.30 -15.05 11.97
C SER B 158 35.35 -15.64 12.91
N GLY B 159 35.28 -16.96 13.12
CA GLY B 159 36.16 -17.67 14.03
C GLY B 159 37.63 -17.71 13.62
N ILE B 160 37.93 -17.11 12.48
CA ILE B 160 39.31 -16.90 12.02
C ILE B 160 40.04 -15.98 13.00
N ASN B 161 39.28 -15.08 13.62
CA ASN B 161 39.80 -14.26 14.70
C ASN B 161 39.43 -14.85 16.05
N PRO B 162 40.44 -15.37 16.77
CA PRO B 162 40.20 -16.07 18.05
C PRO B 162 39.33 -15.31 19.05
N GLU B 163 39.08 -14.02 18.80
CA GLU B 163 38.30 -13.24 19.73
C GLU B 163 37.03 -12.67 19.11
N HIS B 164 36.52 -13.35 18.08
CA HIS B 164 35.33 -12.89 17.36
C HIS B 164 34.13 -12.77 18.26
N LEU B 165 34.04 -13.64 19.26
CA LEU B 165 32.90 -13.61 20.19
C LEU B 165 32.84 -12.30 20.96
N ASN B 166 33.97 -11.84 21.46
CA ASN B 166 34.01 -10.60 22.22
C ASN B 166 33.59 -9.43 21.36
N TYR B 167 33.79 -9.55 20.06
CA TYR B 167 33.35 -8.50 19.14
C TYR B 167 31.85 -8.57 18.90
N PHE B 168 31.30 -9.77 18.89
CA PHE B 168 29.84 -9.88 18.82
C PHE B 168 29.18 -9.40 20.10
N LYS B 169 29.79 -9.68 21.25
CA LYS B 169 29.23 -9.22 22.49
C LYS B 169 29.21 -7.70 22.47
N PHE B 170 30.32 -7.12 22.03
CA PHE B 170 30.43 -5.67 21.86
C PHE B 170 29.40 -5.10 20.90
N ILE B 171 29.27 -5.73 19.73
CA ILE B 171 28.22 -5.38 18.77
C ILE B 171 26.80 -5.52 19.38
N GLY B 172 26.59 -6.56 20.16
CA GLY B 172 25.37 -6.71 20.91
C GLY B 172 25.10 -5.61 21.94
N ARG B 173 26.13 -5.17 22.65
CA ARG B 173 25.97 -4.01 23.51
C ARG B 173 25.63 -2.76 22.73
N VAL B 174 26.36 -2.51 21.65
CA VAL B 174 26.19 -1.28 20.90
C VAL B 174 24.80 -1.14 20.29
N VAL B 175 24.27 -2.26 19.80
CA VAL B 175 22.91 -2.24 19.26
C VAL B 175 21.91 -2.05 20.37
N GLY B 176 22.01 -2.87 21.43
CA GLY B 176 21.17 -2.70 22.61
C GLY B 176 21.21 -1.28 23.16
N LEU B 177 22.34 -0.61 22.95
CA LEU B 177 22.52 0.76 23.39
C LEU B 177 21.72 1.75 22.55
N GLY B 178 21.72 1.60 21.24
CA GLY B 178 21.00 2.53 20.37
C GLY B 178 19.50 2.46 20.58
N VAL B 179 19.03 1.29 20.96
CA VAL B 179 17.62 1.09 21.24
C VAL B 179 17.29 1.78 22.56
N PHE B 180 18.26 1.75 23.47
CA PHE B 180 18.06 2.26 24.80
C PHE B 180 17.98 3.76 24.76
N HIS B 181 19.02 4.39 24.23
CA HIS B 181 19.07 5.84 24.21
C HIS B 181 18.43 6.43 22.97
N ARG B 182 17.63 5.62 22.28
CA ARG B 182 16.87 6.05 21.09
C ARG B 182 17.78 6.59 20.00
N ARG B 183 18.78 5.79 19.64
CA ARG B 183 19.65 6.18 18.54
C ARG B 183 19.57 5.12 17.44
N PHE B 184 19.59 5.58 16.20
CA PHE B 184 19.49 4.68 15.05
C PHE B 184 20.83 4.10 14.61
N LEU B 185 20.75 2.90 14.05
CA LEU B 185 21.90 2.20 13.55
C LEU B 185 21.69 1.94 12.06
N ASP B 186 22.80 1.67 11.36
CA ASP B 186 22.75 1.24 9.98
C ASP B 186 22.84 -0.26 9.95
N ALA B 187 21.92 -0.91 10.67
CA ALA B 187 21.80 -2.36 10.69
C ALA B 187 20.74 -2.85 9.68
N PHE B 188 21.20 -3.14 8.48
CA PHE B 188 20.39 -3.67 7.38
C PHE B 188 20.51 -5.16 7.44
N PHE B 189 20.10 -5.75 8.55
CA PHE B 189 20.14 -7.19 8.68
C PHE B 189 19.20 -7.86 7.68
N VAL B 190 19.42 -9.14 7.45
CA VAL B 190 18.44 -9.96 6.78
C VAL B 190 17.28 -10.24 7.74
N GLY B 191 16.14 -10.61 7.18
CA GLY B 191 14.95 -10.81 7.98
C GLY B 191 15.15 -11.83 9.08
N ALA B 192 16.00 -12.81 8.81
CA ALA B 192 16.11 -13.98 9.68
C ALA B 192 16.64 -13.60 11.04
N LEU B 193 17.52 -12.61 11.06
CA LEU B 193 18.17 -12.17 12.31
C LEU B 193 17.20 -11.51 13.27
N TYR B 194 16.35 -10.61 12.75
CA TYR B 194 15.34 -9.94 13.55
C TYR B 194 14.44 -10.97 14.23
N LYS B 195 14.12 -12.05 13.52
CA LYS B 195 13.44 -13.15 14.15
C LYS B 195 14.27 -13.78 15.27
N MET B 196 15.49 -14.18 14.96
CA MET B 196 16.38 -14.76 15.96
C MET B 196 16.53 -13.91 17.24
N MET B 197 16.54 -12.60 17.07
CA MET B 197 16.56 -11.69 18.20
C MET B 197 15.30 -11.79 19.05
N LEU B 198 14.19 -12.13 18.41
CA LEU B 198 12.92 -12.24 19.10
C LEU B 198 12.66 -13.67 19.55
N ARG B 199 13.64 -14.54 19.29
CA ARG B 199 13.55 -15.97 19.58
C ARG B 199 12.38 -16.64 18.83
N LYS B 200 11.99 -16.05 17.70
CA LYS B 200 11.01 -16.65 16.80
C LYS B 200 11.64 -17.72 15.94
N LYS B 201 10.98 -18.86 15.81
CA LYS B 201 11.51 -19.96 15.01
C LYS B 201 11.68 -19.49 13.58
N VAL B 202 12.79 -19.87 12.96
CA VAL B 202 13.04 -19.53 11.56
C VAL B 202 12.45 -20.57 10.62
N VAL B 203 11.73 -20.10 9.61
CA VAL B 203 11.12 -21.02 8.67
C VAL B 203 11.86 -20.97 7.35
N LEU B 204 11.57 -21.93 6.48
CA LEU B 204 12.22 -22.02 5.18
C LEU B 204 12.12 -20.73 4.37
N GLN B 205 10.98 -20.05 4.49
CA GLN B 205 10.74 -18.82 3.74
C GLN B 205 11.85 -17.79 4.00
N ASP B 206 12.33 -17.77 5.23
CA ASP B 206 13.40 -16.87 5.64
C ASP B 206 14.70 -17.03 4.82
N MET B 207 14.91 -18.23 4.30
CA MET B 207 16.04 -18.54 3.43
C MET B 207 16.13 -17.61 2.21
N GLU B 208 15.03 -16.92 1.90
CA GLU B 208 14.99 -15.92 0.84
C GLU B 208 16.19 -14.96 0.86
N GLY B 209 16.35 -14.26 1.98
CA GLY B 209 17.50 -13.40 2.18
C GLY B 209 18.76 -14.13 2.60
N VAL B 210 18.61 -15.22 3.34
CA VAL B 210 19.75 -15.96 3.88
C VAL B 210 20.60 -16.54 2.76
N ASP B 211 19.94 -17.23 1.86
CA ASP B 211 20.62 -17.79 0.70
C ASP B 211 19.59 -18.01 -0.39
N ALA B 212 19.34 -16.96 -1.17
CA ALA B 212 18.35 -16.98 -2.26
C ALA B 212 18.52 -18.17 -3.21
N GLU B 213 19.71 -18.78 -3.17
CA GLU B 213 20.05 -19.93 -4.02
C GLU B 213 19.63 -21.29 -3.44
N VAL B 214 19.97 -21.53 -2.17
CA VAL B 214 19.57 -22.77 -1.51
C VAL B 214 18.06 -22.76 -1.20
N TYR B 215 17.50 -21.56 -1.08
CA TYR B 215 16.07 -21.36 -0.90
C TYR B 215 15.28 -22.06 -1.98
N ASN B 216 15.76 -21.97 -3.20
CA ASN B 216 15.09 -22.63 -4.31
C ASN B 216 15.38 -24.11 -4.32
N SER B 217 16.64 -24.46 -4.15
CA SER B 217 17.06 -25.86 -4.22
C SER B 217 16.30 -26.65 -3.17
N LEU B 218 16.22 -26.10 -1.97
CA LEU B 218 15.46 -26.76 -0.90
C LEU B 218 13.98 -26.83 -1.19
N ASN B 219 13.37 -25.69 -1.48
CA ASN B 219 11.93 -25.61 -1.72
C ASN B 219 11.48 -26.49 -2.88
N TRP B 220 12.18 -26.36 -3.99
CA TRP B 220 11.96 -27.16 -5.16
C TRP B 220 11.86 -28.66 -4.84
N MET B 221 12.56 -29.09 -3.80
CA MET B 221 12.49 -30.48 -3.34
C MET B 221 11.16 -30.84 -2.72
N LEU B 222 10.34 -29.83 -2.44
CA LEU B 222 9.03 -30.06 -1.82
C LEU B 222 7.91 -29.95 -2.86
N GLU B 223 8.29 -29.52 -4.07
CA GLU B 223 7.34 -29.31 -5.12
C GLU B 223 7.43 -30.38 -6.19
N ASN B 224 8.51 -31.15 -6.18
CA ASN B 224 8.69 -32.12 -7.25
C ASN B 224 9.04 -33.52 -6.74
N SER B 225 9.38 -34.41 -7.67
CA SER B 225 9.85 -35.74 -7.36
C SER B 225 11.36 -35.71 -7.25
N ILE B 226 11.86 -35.62 -6.03
CA ILE B 226 13.30 -35.54 -5.80
C ILE B 226 13.98 -36.91 -5.93
N ASP B 227 13.24 -37.97 -5.64
CA ASP B 227 13.78 -39.33 -5.71
C ASP B 227 14.05 -39.74 -7.16
N LEU B 232 20.93 -38.93 -0.71
CA LEU B 232 21.17 -37.94 0.35
C LEU B 232 20.61 -38.43 1.69
N THR B 233 21.13 -37.89 2.78
CA THR B 233 20.67 -38.27 4.12
C THR B 233 20.72 -37.06 5.04
N PHE B 234 20.42 -37.26 6.32
CA PHE B 234 20.52 -36.21 7.33
C PHE B 234 21.97 -35.80 7.62
N SER B 235 22.47 -34.84 6.86
CA SER B 235 23.87 -34.46 6.97
C SER B 235 24.03 -33.07 6.38
N ALA B 236 25.20 -32.48 6.55
CA ALA B 236 25.45 -31.14 6.01
C ALA B 236 26.93 -30.87 5.84
N ASP B 237 27.32 -30.50 4.62
CA ASP B 237 28.70 -30.12 4.35
C ASP B 237 28.96 -28.67 4.77
N ASP B 238 29.84 -28.54 5.75
CA ASP B 238 30.16 -27.27 6.39
C ASP B 238 31.40 -26.66 5.77
N GLU B 239 31.24 -25.69 4.86
CA GLU B 239 32.40 -25.05 4.26
C GLU B 239 33.01 -23.96 5.14
N ARG B 240 34.15 -24.28 5.74
CA ARG B 240 34.87 -23.37 6.59
C ARG B 240 36.37 -23.35 6.26
N PHE B 241 36.77 -22.32 5.52
CA PHE B 241 38.18 -22.05 5.19
C PHE B 241 38.83 -23.10 4.29
N GLY B 242 38.09 -23.56 3.29
CA GLY B 242 38.65 -24.49 2.33
C GLY B 242 38.57 -25.93 2.77
N GLU B 243 38.37 -26.14 4.06
CA GLU B 243 38.11 -27.47 4.56
C GLU B 243 36.59 -27.61 4.69
N VAL B 244 36.12 -28.86 4.79
CA VAL B 244 34.73 -29.18 5.09
C VAL B 244 34.77 -30.49 5.86
N VAL B 245 33.95 -30.58 6.90
CA VAL B 245 33.60 -31.85 7.54
C VAL B 245 32.08 -31.87 7.73
N THR B 246 31.42 -33.01 7.46
CA THR B 246 29.96 -33.05 7.53
C THR B 246 29.47 -33.31 8.97
N VAL B 247 28.34 -32.69 9.34
CA VAL B 247 27.75 -32.93 10.65
C VAL B 247 26.40 -33.60 10.56
N ASP B 248 26.05 -34.33 11.62
CA ASP B 248 24.72 -34.94 11.74
C ASP B 248 23.68 -33.95 12.26
N LEU B 249 22.52 -33.90 11.61
CA LEU B 249 21.42 -33.05 12.05
C LEU B 249 20.65 -33.69 13.22
N LYS B 250 21.12 -34.85 13.67
CA LYS B 250 20.51 -35.64 14.74
C LYS B 250 21.34 -36.92 14.91
N PRO B 251 21.14 -37.68 16.00
CA PRO B 251 21.94 -38.90 16.19
C PRO B 251 21.93 -39.84 14.96
N ASP B 252 23.12 -40.28 14.55
CA ASP B 252 23.30 -41.17 13.41
C ASP B 252 22.79 -40.56 12.10
N GLY B 253 22.70 -39.23 12.08
CA GLY B 253 22.10 -38.48 11.00
C GLY B 253 22.46 -38.92 9.59
N ARG B 254 23.75 -38.95 9.28
CA ARG B 254 24.20 -39.30 7.94
C ARG B 254 23.81 -40.73 7.55
N ASN B 255 23.49 -41.54 8.56
CA ASN B 255 23.07 -42.91 8.34
C ASN B 255 21.55 -43.15 8.40
N ILE B 256 20.77 -42.13 8.05
CA ILE B 256 19.32 -42.21 8.06
C ILE B 256 18.82 -41.44 6.84
N GLU B 257 18.64 -42.18 5.74
CA GLU B 257 18.41 -41.60 4.40
C GLU B 257 17.06 -40.93 4.25
N VAL B 258 17.06 -39.76 3.65
CA VAL B 258 15.83 -39.04 3.45
C VAL B 258 15.52 -38.97 1.96
N THR B 259 14.66 -39.89 1.51
CA THR B 259 14.16 -39.86 0.14
C THR B 259 12.80 -39.15 0.08
N ASP B 260 12.06 -39.27 -1.03
CA ASP B 260 10.71 -38.70 -1.16
C ASP B 260 9.75 -38.92 0.06
N GLY B 261 10.02 -39.94 0.86
CA GLY B 261 9.30 -40.19 2.11
C GLY B 261 9.89 -39.56 3.37
N ASN B 262 10.91 -38.71 3.20
CA ASN B 262 11.46 -37.93 4.31
C ASN B 262 11.99 -36.57 3.91
N LYS B 263 11.25 -35.88 3.06
CA LYS B 263 11.62 -34.54 2.64
C LYS B 263 10.93 -33.51 3.52
N LYS B 264 10.46 -33.94 4.68
CA LYS B 264 9.71 -33.07 5.58
C LYS B 264 10.55 -32.58 6.75
N GLU B 265 11.21 -33.53 7.41
CA GLU B 265 12.09 -33.21 8.52
C GLU B 265 13.46 -32.73 8.02
N TYR B 266 13.83 -33.15 6.81
CA TYR B 266 15.10 -32.73 6.25
C TYR B 266 15.10 -31.23 6.11
N VAL B 267 14.24 -30.75 5.22
CA VAL B 267 14.15 -29.34 4.89
C VAL B 267 14.07 -28.47 6.13
N GLU B 268 13.31 -28.95 7.10
CA GLU B 268 13.20 -28.29 8.38
C GLU B 268 14.52 -28.36 9.15
N LEU B 269 15.02 -29.56 9.44
CA LEU B 269 16.22 -29.70 10.26
C LEU B 269 17.43 -29.06 9.60
N TYR B 270 17.40 -28.97 8.27
CA TYR B 270 18.45 -28.32 7.55
C TYR B 270 18.39 -26.81 7.75
N THR B 271 17.22 -26.22 7.60
CA THR B 271 17.04 -24.79 7.78
C THR B 271 17.49 -24.33 9.15
N GLN B 272 17.30 -25.18 10.15
CA GLN B 272 17.75 -24.87 11.51
C GLN B 272 19.27 -24.86 11.61
N TRP B 273 19.91 -25.76 10.88
CA TRP B 273 21.35 -25.79 10.90
C TRP B 273 21.95 -24.64 10.09
N ARG B 274 21.51 -24.47 8.85
CA ARG B 274 22.12 -23.46 7.97
C ARG B 274 22.01 -22.08 8.56
N ILE B 275 20.79 -21.67 8.82
CA ILE B 275 20.49 -20.31 9.26
C ILE B 275 20.85 -20.05 10.73
N VAL B 276 20.51 -20.97 11.61
CA VAL B 276 20.72 -20.74 13.03
C VAL B 276 21.95 -21.48 13.57
N ASP B 277 21.88 -22.80 13.64
CA ASP B 277 22.80 -23.57 14.47
C ASP B 277 24.25 -23.30 14.12
N ARG B 278 24.49 -23.13 12.82
CA ARG B 278 25.85 -22.93 12.31
C ARG B 278 26.51 -21.73 12.96
N VAL B 279 25.74 -20.67 13.20
CA VAL B 279 26.28 -19.47 13.81
C VAL B 279 25.84 -19.32 15.26
N GLN B 280 25.69 -20.44 15.96
CA GLN B 280 25.19 -20.45 17.33
C GLN B 280 26.03 -19.59 18.28
N GLU B 281 27.36 -19.82 18.24
CA GLU B 281 28.35 -19.17 19.09
C GLU B 281 28.34 -17.67 18.86
N GLN B 282 28.40 -17.26 17.60
CA GLN B 282 28.40 -15.85 17.24
C GLN B 282 27.14 -15.17 17.79
N PHE B 283 25.98 -15.72 17.43
CA PHE B 283 24.69 -15.12 17.72
C PHE B 283 24.35 -15.06 19.21
N LYS B 284 24.62 -16.17 19.88
CA LYS B 284 24.69 -16.21 21.32
C LYS B 284 25.48 -15.04 21.96
N ALA B 285 26.73 -14.82 21.54
CA ALA B 285 27.56 -13.74 22.09
C ALA B 285 26.96 -12.37 21.82
N PHE B 286 26.31 -12.24 20.69
CA PHE B 286 25.54 -11.04 20.37
C PHE B 286 24.42 -10.77 21.38
N MET B 287 23.48 -11.69 21.45
CA MET B 287 22.31 -11.53 22.32
C MET B 287 22.74 -11.36 23.77
N ASP B 288 23.71 -12.16 24.18
CA ASP B 288 24.33 -12.05 25.49
C ASP B 288 24.74 -10.60 25.78
N GLY B 289 25.03 -9.84 24.72
CA GLY B 289 25.35 -8.43 24.88
C GLY B 289 24.16 -7.52 24.65
N PHE B 290 23.26 -7.93 23.79
CA PHE B 290 22.05 -7.13 23.53
C PHE B 290 21.17 -7.13 24.78
N ASN B 291 21.08 -8.29 25.42
CA ASN B 291 20.28 -8.45 26.62
C ASN B 291 20.87 -7.84 27.89
N GLU B 292 22.12 -7.38 27.82
CA GLU B 292 22.69 -6.72 28.98
C GLU B 292 22.05 -5.36 29.16
N LEU B 293 21.47 -4.83 28.09
CA LEU B 293 20.94 -3.47 28.16
C LEU B 293 19.46 -3.47 27.85
N ILE B 294 19.04 -4.21 26.84
CA ILE B 294 17.63 -4.32 26.53
C ILE B 294 17.13 -5.67 27.01
N PRO B 295 16.21 -5.66 27.98
CA PRO B 295 15.58 -6.86 28.52
C PRO B 295 14.92 -7.66 27.40
N GLU B 296 15.21 -8.95 27.34
CA GLU B 296 14.67 -9.78 26.28
C GLU B 296 13.15 -9.78 26.28
N ASP B 297 12.56 -10.11 27.43
CA ASP B 297 11.12 -10.15 27.58
C ASP B 297 10.42 -8.80 27.36
N LEU B 298 11.17 -7.78 26.97
CA LEU B 298 10.60 -6.48 26.66
C LEU B 298 10.51 -6.19 25.16
N VAL B 299 11.55 -6.58 24.43
CA VAL B 299 11.64 -6.33 23.00
C VAL B 299 10.61 -7.21 22.28
N THR B 300 10.22 -8.32 22.89
CA THR B 300 9.34 -9.31 22.26
C THR B 300 7.93 -8.79 22.01
N VAL B 301 7.67 -7.57 22.44
CA VAL B 301 6.42 -6.92 22.13
C VAL B 301 6.37 -6.59 20.63
N PHE B 302 7.53 -6.48 20.00
CA PHE B 302 7.57 -6.13 18.60
C PHE B 302 7.55 -7.39 17.72
N ASP B 303 7.00 -7.27 16.51
CA ASP B 303 7.19 -8.32 15.52
C ASP B 303 8.51 -8.06 14.74
N GLU B 304 8.89 -9.02 13.89
CA GLU B 304 10.18 -8.94 13.20
C GLU B 304 10.25 -7.68 12.38
N ARG B 305 9.11 -7.24 11.84
CA ARG B 305 9.10 -6.09 10.95
C ARG B 305 9.30 -4.83 11.75
N GLU B 306 8.77 -4.79 12.95
CA GLU B 306 8.83 -3.57 13.71
C GLU B 306 10.18 -3.41 14.39
N LEU B 307 10.67 -4.48 14.99
CA LEU B 307 11.99 -4.48 15.62
C LEU B 307 13.05 -3.88 14.69
N GLU B 308 12.97 -4.20 13.40
CA GLU B 308 13.83 -3.62 12.40
C GLU B 308 13.66 -2.10 12.29
N LEU B 309 12.47 -1.61 12.63
CA LEU B 309 12.22 -0.17 12.56
C LEU B 309 12.80 0.48 13.82
N LEU B 310 12.64 -0.22 14.93
CA LEU B 310 13.05 0.26 16.22
C LEU B 310 14.56 0.46 16.28
N ILE B 311 15.28 -0.49 15.71
CA ILE B 311 16.75 -0.49 15.74
C ILE B 311 17.39 0.53 14.79
N GLY B 312 16.87 0.56 13.57
CA GLY B 312 17.54 1.21 12.48
C GLY B 312 16.73 2.30 11.80
N GLY B 313 15.45 2.38 12.13
CA GLY B 313 14.58 3.35 11.51
C GLY B 313 14.52 3.27 9.99
N ILE B 314 14.13 4.38 9.38
CA ILE B 314 13.84 4.44 7.94
C ILE B 314 14.98 5.01 7.11
N ALA B 315 15.58 4.14 6.31
CA ALA B 315 16.76 4.45 5.50
C ALA B 315 16.48 5.40 4.35
N GLU B 316 15.39 5.12 3.64
CA GLU B 316 15.06 5.82 2.42
C GLU B 316 14.36 7.12 2.75
N ILE B 317 15.09 8.22 2.63
CA ILE B 317 14.55 9.53 2.93
C ILE B 317 13.38 9.88 2.03
N ASP B 318 12.21 10.09 2.64
CA ASP B 318 11.06 10.60 1.88
C ASP B 318 11.20 12.12 1.70
N ILE B 319 11.60 12.50 0.50
CA ILE B 319 11.84 13.91 0.19
C ILE B 319 10.58 14.73 0.35
N GLU B 320 9.46 14.22 -0.16
CA GLU B 320 8.22 14.95 -0.05
C GLU B 320 7.80 15.14 1.41
N ASP B 321 8.14 14.16 2.24
CA ASP B 321 7.93 14.26 3.68
C ASP B 321 8.92 15.25 4.32
N TRP B 322 10.16 15.22 3.86
CA TRP B 322 11.19 16.11 4.36
C TRP B 322 10.79 17.57 4.13
N LYS B 323 10.47 17.87 2.87
CA LYS B 323 10.06 19.21 2.48
C LYS B 323 8.80 19.64 3.22
N LYS B 324 7.92 18.68 3.49
CA LYS B 324 6.69 18.94 4.20
C LYS B 324 6.88 19.32 5.67
N HIS B 325 8.07 19.10 6.21
CA HIS B 325 8.32 19.36 7.63
C HIS B 325 9.67 20.04 7.88
N THR B 326 9.71 21.35 7.64
CA THR B 326 10.92 22.14 7.78
C THR B 326 10.55 23.53 8.27
N ASP B 327 11.30 24.04 9.24
CA ASP B 327 11.11 25.41 9.73
C ASP B 327 12.12 26.38 9.11
N TYR B 328 11.68 27.60 8.83
CA TYR B 328 12.57 28.59 8.19
C TYR B 328 12.84 29.81 9.08
N ARG B 329 14.08 29.91 9.57
CA ARG B 329 14.48 31.02 10.41
C ARG B 329 15.10 32.15 9.58
N GLY B 330 14.28 33.13 9.21
CA GLY B 330 14.74 34.23 8.38
C GLY B 330 14.25 34.08 6.96
N TYR B 331 14.46 32.91 6.36
CA TYR B 331 13.96 32.64 5.01
C TYR B 331 12.45 32.52 4.95
N GLN B 332 11.94 32.32 3.74
CA GLN B 332 10.53 31.96 3.51
C GLN B 332 10.50 30.85 2.47
N GLU B 333 9.42 30.07 2.44
CA GLU B 333 9.33 28.93 1.52
C GLU B 333 9.53 29.35 0.06
N SER B 334 8.81 30.37 -0.36
CA SER B 334 8.80 30.81 -1.76
C SER B 334 10.10 31.50 -2.16
N ASP B 335 10.86 31.96 -1.16
CA ASP B 335 12.14 32.64 -1.41
C ASP B 335 13.00 31.81 -2.34
N GLU B 336 13.52 32.48 -3.36
CA GLU B 336 14.24 31.83 -4.47
C GLU B 336 15.30 30.85 -3.98
N VAL B 337 15.95 31.19 -2.88
CA VAL B 337 16.96 30.33 -2.27
C VAL B 337 16.43 28.93 -1.91
N ILE B 338 15.40 28.89 -1.08
CA ILE B 338 14.76 27.65 -0.66
C ILE B 338 14.12 26.92 -1.84
N GLN B 339 13.57 27.68 -2.78
CA GLN B 339 13.10 27.13 -4.03
C GLN B 339 14.21 26.32 -4.72
N TRP B 340 15.45 26.80 -4.61
CA TRP B 340 16.60 26.14 -5.21
C TRP B 340 17.09 24.98 -4.37
N PHE B 341 16.79 25.04 -3.08
CA PHE B 341 17.19 24.00 -2.16
C PHE B 341 16.52 22.68 -2.51
N TRP B 342 15.20 22.62 -2.35
CA TRP B 342 14.43 21.38 -2.54
C TRP B 342 14.46 20.91 -3.99
N LYS B 343 14.41 21.86 -4.91
CA LYS B 343 14.57 21.54 -6.31
C LYS B 343 15.85 20.74 -6.50
N ALA B 344 16.93 21.23 -5.91
CA ALA B 344 18.20 20.51 -5.87
C ALA B 344 18.10 19.17 -5.13
N VAL B 345 17.41 19.17 -4.02
CA VAL B 345 17.25 17.96 -3.22
C VAL B 345 16.59 16.86 -4.04
N SER B 346 15.65 17.25 -4.90
CA SER B 346 15.00 16.30 -5.79
C SER B 346 15.99 15.66 -6.76
N GLU B 347 16.99 16.42 -7.19
CA GLU B 347 17.94 15.93 -8.18
C GLU B 347 18.82 14.82 -7.61
N TRP B 348 19.22 14.98 -6.35
CA TRP B 348 20.12 14.04 -5.70
C TRP B 348 19.54 12.64 -5.55
N ASP B 349 20.35 11.62 -5.83
CA ASP B 349 19.97 10.25 -5.52
C ASP B 349 19.90 10.03 -4.01
N ASN B 350 19.48 8.84 -3.59
CA ASN B 350 19.35 8.55 -2.17
C ASN B 350 20.64 8.72 -1.34
N GLU B 351 21.78 8.24 -1.87
CA GLU B 351 23.07 8.36 -1.18
C GLU B 351 23.45 9.82 -0.89
N GLN B 352 23.39 10.67 -1.91
CA GLN B 352 23.63 12.10 -1.74
C GLN B 352 22.70 12.66 -0.67
N ARG B 353 21.40 12.40 -0.80
CA ARG B 353 20.41 12.80 0.21
C ARG B 353 20.80 12.31 1.62
N ALA B 354 20.92 10.99 1.74
CA ALA B 354 21.36 10.34 2.99
C ALA B 354 22.65 10.94 3.53
N ARG B 355 23.48 11.46 2.64
CA ARG B 355 24.76 12.05 3.03
C ARG B 355 24.54 13.46 3.57
N LEU B 356 23.58 14.17 2.99
CA LEU B 356 23.20 15.50 3.45
C LEU B 356 22.48 15.38 4.76
N LEU B 357 21.76 14.29 4.91
CA LEU B 357 21.03 14.00 6.14
C LEU B 357 22.01 13.68 7.26
N GLN B 358 23.17 13.17 6.89
CA GLN B 358 24.22 12.89 7.85
C GLN B 358 25.00 14.15 8.16
N PHE B 359 25.11 15.04 7.17
CA PHE B 359 25.82 16.30 7.34
C PHE B 359 25.15 17.17 8.43
N THR B 360 23.82 17.19 8.43
CA THR B 360 23.08 18.12 9.28
C THR B 360 22.65 17.54 10.62
N THR B 361 22.55 16.23 10.71
CA THR B 361 22.07 15.62 11.95
C THR B 361 23.08 14.62 12.52
N GLY B 362 23.91 14.05 11.64
CA GLY B 362 24.87 13.06 12.06
C GLY B 362 24.38 11.65 11.79
N THR B 363 23.30 11.54 11.02
CA THR B 363 22.77 10.24 10.63
C THR B 363 21.77 10.33 9.48
N SER B 364 21.71 9.27 8.68
CA SER B 364 20.89 9.26 7.48
C SER B 364 19.61 8.50 7.72
N ARG B 365 19.39 8.12 8.98
CA ARG B 365 18.17 7.45 9.39
C ARG B 365 17.09 8.41 9.87
N ILE B 366 15.84 7.99 9.66
CA ILE B 366 14.64 8.78 9.94
C ILE B 366 13.63 7.89 10.69
N PRO B 367 12.90 8.47 11.66
CA PRO B 367 11.84 7.75 12.38
C PRO B 367 10.66 7.30 11.50
N VAL B 368 10.03 6.21 11.89
CA VAL B 368 8.85 5.70 11.19
C VAL B 368 7.79 6.79 10.95
N ASN B 369 7.41 7.50 12.02
CA ASN B 369 6.47 8.64 11.97
C ASN B 369 6.83 9.75 10.95
N GLY B 370 8.05 9.70 10.45
CA GLY B 370 8.46 10.55 9.34
C GLY B 370 9.34 11.68 9.80
N PHE B 371 9.55 12.66 8.92
CA PHE B 371 10.36 13.83 9.22
C PHE B 371 9.70 14.75 10.24
N LYS B 372 8.41 14.51 10.50
CA LYS B 372 7.70 15.19 11.58
C LYS B 372 8.38 14.91 12.92
N ASP B 373 8.58 13.64 13.23
CA ASP B 373 9.07 13.23 14.55
C ASP B 373 10.61 13.29 14.61
N LEU B 374 11.21 14.10 13.74
CA LEU B 374 12.66 14.28 13.72
C LEU B 374 13.18 14.77 15.07
N GLN B 375 14.26 14.16 15.56
CA GLN B 375 14.77 14.51 16.87
C GLN B 375 16.06 15.34 16.81
N GLY B 376 16.13 16.39 17.60
CA GLY B 376 17.37 17.13 17.79
C GLY B 376 18.38 16.35 18.63
N SER B 377 19.21 17.07 19.38
CA SER B 377 20.18 16.41 20.22
C SER B 377 19.58 15.91 21.52
N ASP B 378 18.67 16.70 22.10
CA ASP B 378 18.18 16.44 23.45
C ASP B 378 16.64 16.37 23.50
N GLY B 379 16.02 16.52 22.34
CA GLY B 379 14.57 16.58 22.28
C GLY B 379 14.12 16.87 20.87
N PRO B 380 12.81 16.91 20.66
CA PRO B 380 12.26 17.12 19.32
C PRO B 380 12.64 18.48 18.74
N ARG B 381 13.12 18.45 17.50
CA ARG B 381 13.51 19.64 16.73
C ARG B 381 13.28 19.36 15.26
N ARG B 382 12.45 20.20 14.66
CA ARG B 382 12.19 20.13 13.24
C ARG B 382 13.46 20.40 12.41
N PHE B 383 13.47 19.93 11.17
CA PHE B 383 14.56 20.25 10.26
C PHE B 383 14.54 21.73 9.98
N THR B 384 15.66 22.41 10.16
CA THR B 384 15.68 23.87 10.05
C THR B 384 16.63 24.33 8.97
N ILE B 385 16.32 25.47 8.35
CA ILE B 385 17.17 26.09 7.33
C ILE B 385 17.21 27.60 7.57
N GLU B 386 18.16 28.05 8.37
CA GLU B 386 18.24 29.48 8.71
C GLU B 386 19.04 30.28 7.67
N LYS B 387 18.86 31.60 7.67
CA LYS B 387 19.69 32.52 6.90
C LYS B 387 20.85 33.10 7.74
N ALA B 388 22.08 32.91 7.27
CA ALA B 388 23.30 33.44 7.91
C ALA B 388 24.49 33.22 7.01
N GLY B 389 25.60 33.88 7.32
CA GLY B 389 26.81 33.75 6.51
C GLY B 389 26.80 34.69 5.32
N GLU B 390 27.49 34.31 4.26
CA GLU B 390 27.58 35.10 3.04
C GLU B 390 27.67 34.23 1.81
N VAL B 391 27.26 34.77 0.67
CA VAL B 391 27.18 34.01 -0.58
C VAL B 391 28.44 33.22 -0.89
N GLN B 392 29.59 33.84 -0.70
CA GLN B 392 30.87 33.19 -0.97
C GLN B 392 31.37 32.36 0.21
N GLN B 393 30.45 31.88 1.05
CA GLN B 393 30.79 31.06 2.21
C GLN B 393 29.96 29.78 2.28
N LEU B 394 30.62 28.66 2.51
CA LEU B 394 29.93 27.38 2.57
C LEU B 394 28.97 27.45 3.75
N PRO B 395 27.81 26.81 3.61
CA PRO B 395 26.84 26.71 4.69
C PRO B 395 27.38 25.86 5.82
N LYS B 396 27.26 26.36 7.04
CA LYS B 396 27.68 25.64 8.24
C LYS B 396 26.56 24.68 8.68
N SER B 397 26.86 23.85 9.68
CA SER B 397 25.89 22.90 10.20
C SER B 397 25.84 22.97 11.71
N HIS B 398 24.64 22.99 12.24
CA HIS B 398 24.43 23.00 13.68
C HIS B 398 23.69 21.71 14.04
N THR B 399 24.43 20.60 14.05
CA THR B 399 23.81 19.27 14.07
C THR B 399 22.92 19.03 15.26
N CYS B 400 23.43 19.37 16.44
CA CYS B 400 22.70 19.21 17.68
C CYS B 400 21.43 20.05 17.73
N PHE B 401 21.19 20.81 16.66
CA PHE B 401 20.02 21.66 16.52
C PHE B 401 19.16 21.31 15.30
N ASN B 402 19.67 20.43 14.44
CA ASN B 402 19.01 20.07 13.17
C ASN B 402 18.79 21.24 12.22
N ARG B 403 19.77 22.13 12.14
CA ARG B 403 19.62 23.42 11.47
C ARG B 403 20.81 23.73 10.58
N VAL B 404 20.56 24.12 9.33
CA VAL B 404 21.64 24.44 8.41
C VAL B 404 21.72 25.93 8.08
N ASP B 405 22.79 26.58 8.53
CA ASP B 405 23.01 27.97 8.15
C ASP B 405 23.31 28.08 6.68
N LEU B 406 22.28 28.41 5.89
CA LEU B 406 22.43 28.54 4.44
C LEU B 406 22.53 30.02 4.08
N PRO B 407 23.70 30.47 3.59
CA PRO B 407 23.83 31.86 3.16
C PRO B 407 22.85 32.20 2.04
N GLN B 408 22.45 33.46 1.93
CA GLN B 408 21.48 33.85 0.92
C GLN B 408 22.12 33.91 -0.46
N TYR B 409 22.40 32.73 -1.03
CA TYR B 409 23.07 32.62 -2.33
C TYR B 409 22.28 33.33 -3.42
N VAL B 410 22.98 33.86 -4.40
CA VAL B 410 22.36 34.70 -5.43
C VAL B 410 22.04 33.93 -6.71
N ASP B 411 22.41 32.66 -6.76
CA ASP B 411 22.04 31.80 -7.88
C ASP B 411 22.15 30.32 -7.53
N TYR B 412 21.51 29.51 -8.35
CA TYR B 412 21.48 28.05 -8.18
C TYR B 412 22.88 27.46 -8.08
N ASP B 413 23.69 27.62 -9.14
CA ASP B 413 24.99 26.96 -9.24
C ASP B 413 25.96 27.32 -8.12
N SER B 414 26.19 28.61 -7.93
CA SER B 414 27.08 29.11 -6.87
C SER B 414 26.74 28.49 -5.53
N MET B 415 25.44 28.32 -5.27
CA MET B 415 24.97 27.55 -4.12
C MET B 415 25.26 26.06 -4.28
N LYS B 416 24.82 25.49 -5.40
CA LYS B 416 24.98 24.06 -5.68
C LYS B 416 26.42 23.60 -5.46
N GLN B 417 27.38 24.50 -5.65
CA GLN B 417 28.79 24.18 -5.42
C GLN B 417 29.17 24.30 -3.94
N LYS B 418 28.85 25.43 -3.34
CA LYS B 418 29.23 25.66 -1.96
C LYS B 418 28.45 24.79 -0.99
N LEU B 419 27.47 24.06 -1.53
CA LEU B 419 26.66 23.13 -0.75
C LEU B 419 27.07 21.68 -0.96
N THR B 420 27.24 21.29 -2.23
CA THR B 420 27.61 19.92 -2.54
C THR B 420 28.94 19.59 -1.89
N LEU B 421 29.91 20.48 -2.07
CA LEU B 421 31.25 20.27 -1.53
C LEU B 421 31.18 20.22 -0.01
N ALA B 422 30.33 21.06 0.56
CA ALA B 422 30.15 21.11 2.00
C ALA B 422 29.89 19.65 2.44
N VAL B 423 28.97 18.99 1.73
CA VAL B 423 28.46 17.68 2.12
C VAL B 423 29.52 16.57 1.90
N GLU B 424 30.45 16.79 0.98
CA GLU B 424 31.46 15.78 0.70
C GLU B 424 32.77 16.06 1.39
N GLU B 425 33.07 17.34 1.61
CA GLU B 425 34.28 17.72 2.29
C GLU B 425 34.14 17.70 3.82
N THR B 426 32.94 17.39 4.28
CA THR B 426 32.68 17.28 5.72
C THR B 426 32.06 15.93 6.08
N ILE B 427 30.91 15.59 5.52
CA ILE B 427 30.23 14.35 5.91
C ILE B 427 31.08 13.14 5.51
N GLY B 428 31.97 13.37 4.55
CA GLY B 428 32.91 12.36 4.12
C GLY B 428 32.34 11.43 3.06
N PHE B 429 32.28 10.14 3.40
CA PHE B 429 31.74 9.11 2.52
C PHE B 429 32.46 9.08 1.18
N GLN C 2 1.95 16.61 -23.72
CA GLN C 2 0.62 16.75 -24.30
C GLN C 2 0.70 16.79 -25.84
N PRO C 3 -0.27 16.15 -26.52
CA PRO C 3 -0.42 16.05 -27.98
C PRO C 3 -1.02 17.34 -28.59
N PRO C 4 -1.50 17.34 -29.87
CA PRO C 4 -2.20 18.54 -30.39
C PRO C 4 -3.51 18.90 -29.69
N ALA C 5 -3.51 19.91 -28.81
CA ALA C 5 -4.71 20.33 -28.10
C ALA C 5 -5.85 20.56 -29.08
N TYR C 6 -7.03 20.03 -28.75
CA TYR C 6 -8.21 20.19 -29.59
C TYR C 6 -8.32 21.60 -30.14
N ASP C 7 -8.25 21.72 -31.47
CA ASP C 7 -8.32 23.05 -32.12
C ASP C 7 -9.40 23.40 -33.15
N GLU C 8 -9.11 23.10 -34.42
CA GLU C 8 -10.10 23.28 -35.47
C GLU C 8 -11.03 22.10 -35.42
N ASP C 9 -12.18 22.21 -36.08
CA ASP C 9 -13.17 21.14 -36.11
C ASP C 9 -13.61 20.83 -37.54
N ALA D 1 -8.35 19.15 17.46
CA ALA D 1 -8.45 20.13 18.53
C ALA D 1 -7.18 20.97 18.66
N GLN D 2 -7.32 22.28 18.51
CA GLN D 2 -6.21 23.18 18.77
C GLN D 2 -6.10 23.41 20.28
N PRO D 3 -4.89 23.30 20.83
CA PRO D 3 -4.63 23.54 22.26
C PRO D 3 -4.49 25.03 22.53
N PRO D 4 -4.20 25.43 23.79
CA PRO D 4 -3.89 26.84 24.01
C PRO D 4 -2.71 27.29 23.16
N ALA D 5 -2.96 28.21 22.24
CA ALA D 5 -1.93 28.72 21.34
C ALA D 5 -0.81 29.41 22.14
N TYR D 6 0.33 29.61 21.48
CA TYR D 6 1.47 30.26 22.13
C TYR D 6 1.49 31.78 22.04
N ASP D 7 0.31 32.39 22.12
CA ASP D 7 0.25 33.81 22.41
C ASP D 7 0.63 33.88 23.88
N GLU D 8 0.74 32.70 24.48
CA GLU D 8 1.35 32.49 25.78
C GLU D 8 2.79 33.01 25.81
N ASP D 9 3.20 33.67 24.74
CA ASP D 9 4.40 34.47 24.74
C ASP D 9 4.37 35.44 25.93
N ASP D 10 3.18 35.68 26.45
CA ASP D 10 3.00 36.58 27.60
C ASP D 10 3.55 35.95 28.87
N GLU D 11 3.30 34.65 29.05
CA GLU D 11 3.78 33.93 30.22
C GLU D 11 5.27 33.61 30.09
N ALA D 12 6.00 34.49 29.39
CA ALA D 12 7.41 34.31 29.23
C ALA D 12 7.87 33.74 30.57
N GLY D 13 8.36 32.50 30.53
CA GLY D 13 8.97 31.87 31.68
C GLY D 13 10.50 31.97 31.66
N ALA D 14 11.11 31.20 30.76
CA ALA D 14 12.57 31.19 30.63
C ALA D 14 13.02 30.18 29.58
N MET E 9 -63.01 9.99 -1.90
CA MET E 9 -62.60 8.97 -0.95
C MET E 9 -61.07 8.95 -0.78
N GLN E 10 -60.56 7.84 -0.23
CA GLN E 10 -59.13 7.63 -0.05
C GLN E 10 -58.47 6.73 -1.13
N ILE E 11 -57.26 7.09 -1.58
CA ILE E 11 -56.44 6.24 -2.45
C ILE E 11 -55.04 6.12 -1.88
N PHE E 12 -54.39 4.99 -2.12
CA PHE E 12 -53.04 4.74 -1.58
C PHE E 12 -52.01 4.67 -2.70
N VAL E 13 -51.01 5.52 -2.65
CA VAL E 13 -49.95 5.44 -3.64
C VAL E 13 -48.75 4.67 -3.09
N LYS E 14 -48.41 3.54 -3.70
CA LYS E 14 -47.29 2.75 -3.22
C LYS E 14 -46.06 2.95 -4.11
N THR E 15 -45.12 3.74 -3.62
CA THR E 15 -43.86 3.98 -4.34
C THR E 15 -43.09 2.69 -4.52
N LEU E 16 -42.07 2.73 -5.37
CA LEU E 16 -41.27 1.54 -5.65
C LEU E 16 -40.53 1.01 -4.43
N THR E 17 -40.79 1.58 -3.26
CA THR E 17 -40.09 1.17 -2.03
C THR E 17 -41.05 0.69 -0.93
N GLY E 18 -42.35 0.88 -1.14
CA GLY E 18 -43.37 0.48 -0.19
C GLY E 18 -43.85 1.62 0.67
N LYS E 19 -43.46 2.85 0.32
CA LYS E 19 -43.90 4.02 1.05
C LYS E 19 -45.34 4.33 0.68
N THR E 20 -46.27 3.69 1.39
CA THR E 20 -47.68 3.92 1.16
C THR E 20 -48.04 5.36 1.55
N ILE E 21 -48.54 6.12 0.59
CA ILE E 21 -48.90 7.50 0.89
C ILE E 21 -50.40 7.72 0.72
N THR E 22 -51.09 7.72 1.86
CA THR E 22 -52.53 7.93 1.89
C THR E 22 -52.88 9.34 1.44
N LEU E 23 -53.87 9.44 0.56
CA LEU E 23 -54.27 10.72 -0.03
C LEU E 23 -55.75 11.02 0.25
N GLU E 24 -56.19 12.20 -0.16
CA GLU E 24 -57.61 12.55 -0.09
C GLU E 24 -58.13 13.11 -1.42
N VAL E 25 -58.85 12.29 -2.18
CA VAL E 25 -59.26 12.69 -3.53
C VAL E 25 -60.71 12.32 -3.76
N GLU E 26 -61.27 12.75 -4.89
CA GLU E 26 -62.61 12.32 -5.30
C GLU E 26 -62.52 11.66 -6.68
N PRO E 27 -63.50 10.81 -7.02
CA PRO E 27 -63.53 10.18 -8.35
C PRO E 27 -63.46 11.20 -9.50
N SER E 28 -63.94 12.42 -9.26
CA SER E 28 -63.90 13.45 -10.29
C SER E 28 -62.48 13.97 -10.55
N ASP E 29 -61.64 13.98 -9.52
CA ASP E 29 -60.27 14.53 -9.58
C ASP E 29 -59.50 14.03 -10.78
N THR E 30 -58.79 14.95 -11.45
CA THR E 30 -58.02 14.56 -12.63
C THR E 30 -56.69 13.92 -12.22
N ILE E 31 -56.15 13.07 -13.07
CA ILE E 31 -54.88 12.40 -12.79
C ILE E 31 -53.82 13.45 -12.52
N GLU E 32 -53.87 14.51 -13.33
CA GLU E 32 -53.04 15.67 -13.12
C GLU E 32 -53.22 16.21 -11.70
N ASN E 33 -54.45 16.17 -11.21
CA ASN E 33 -54.75 16.67 -9.87
C ASN E 33 -54.32 15.72 -8.76
N VAL E 34 -53.97 14.49 -9.12
CA VAL E 34 -53.53 13.52 -8.12
C VAL E 34 -52.07 13.71 -7.77
N LYS E 35 -51.23 13.80 -8.81
CA LYS E 35 -49.80 13.98 -8.63
C LYS E 35 -49.53 15.26 -7.86
N ALA E 36 -50.35 16.27 -8.16
CA ALA E 36 -50.28 17.56 -7.48
C ALA E 36 -50.65 17.45 -6.00
N LYS E 37 -51.50 16.47 -5.67
CA LYS E 37 -51.78 16.17 -4.28
C LYS E 37 -50.59 15.45 -3.61
N ILE E 38 -49.79 14.77 -4.43
CA ILE E 38 -48.62 14.05 -3.94
C ILE E 38 -47.41 14.97 -3.79
N GLN E 39 -47.23 15.83 -4.79
CA GLN E 39 -46.17 16.83 -4.72
C GLN E 39 -46.24 17.61 -3.42
N ASP E 40 -47.34 18.33 -3.23
CA ASP E 40 -47.56 19.21 -2.06
C ASP E 40 -47.13 18.61 -0.71
N LYS E 41 -47.17 17.29 -0.59
CA LYS E 41 -46.73 16.62 0.62
C LYS E 41 -45.41 15.85 0.53
N GLU E 42 -44.99 15.39 -0.66
CA GLU E 42 -43.74 14.61 -0.74
C GLU E 42 -42.61 15.28 -1.52
N GLY E 43 -42.95 16.32 -2.29
CA GLY E 43 -41.95 17.08 -3.00
C GLY E 43 -41.86 16.81 -4.49
N ILE E 44 -41.98 15.53 -4.84
CA ILE E 44 -41.86 15.07 -6.23
C ILE E 44 -42.84 15.80 -7.13
N PRO E 45 -42.34 16.53 -8.15
CA PRO E 45 -43.17 17.24 -9.13
C PRO E 45 -44.04 16.32 -9.98
N PRO E 46 -45.30 16.70 -10.22
CA PRO E 46 -46.26 15.92 -11.00
C PRO E 46 -45.75 15.60 -12.40
N ASP E 47 -44.83 16.42 -12.89
CA ASP E 47 -44.27 16.20 -14.21
C ASP E 47 -43.52 14.87 -14.21
N GLN E 48 -42.49 14.78 -13.38
CA GLN E 48 -41.74 13.53 -13.23
C GLN E 48 -42.65 12.36 -12.84
N GLN E 49 -43.61 12.57 -11.94
CA GLN E 49 -44.49 11.49 -11.53
C GLN E 49 -45.07 10.65 -12.67
N ARG E 50 -45.18 9.35 -12.40
CA ARG E 50 -45.85 8.39 -13.28
C ARG E 50 -46.61 7.41 -12.41
N LEU E 51 -47.93 7.33 -12.58
CA LEU E 51 -48.75 6.49 -11.71
C LEU E 51 -49.35 5.32 -12.49
N ILE E 52 -49.34 4.15 -11.87
CA ILE E 52 -49.82 2.94 -12.51
C ILE E 52 -50.91 2.29 -11.64
N PHE E 53 -52.09 2.07 -12.21
CA PHE E 53 -53.16 1.36 -11.53
C PHE E 53 -53.49 0.10 -12.30
N ALA E 54 -53.12 -1.06 -11.76
CA ALA E 54 -53.39 -2.35 -12.41
C ALA E 54 -52.88 -2.41 -13.85
N GLY E 55 -51.57 -2.40 -14.03
CA GLY E 55 -50.98 -2.45 -15.36
C GLY E 55 -51.14 -1.19 -16.19
N LYS E 56 -52.28 -0.50 -16.05
CA LYS E 56 -52.58 0.72 -16.80
C LYS E 56 -51.61 1.84 -16.43
N GLN E 57 -51.68 2.96 -17.16
CA GLN E 57 -50.83 4.10 -16.85
C GLN E 57 -51.65 5.37 -16.89
N LEU E 58 -52.26 5.68 -15.75
CA LEU E 58 -53.22 6.76 -15.64
C LEU E 58 -52.76 8.03 -16.35
N GLU E 59 -53.62 8.58 -17.21
CA GLU E 59 -53.28 9.74 -18.01
C GLU E 59 -53.98 11.00 -17.52
N ASP E 60 -53.35 12.15 -17.74
CA ASP E 60 -53.83 13.45 -17.26
C ASP E 60 -55.26 13.86 -17.67
N GLY E 61 -55.52 13.83 -18.98
CA GLY E 61 -56.77 14.35 -19.54
C GLY E 61 -58.01 13.64 -19.05
N ARG E 62 -57.78 12.52 -18.35
CA ARG E 62 -58.84 11.73 -17.76
C ARG E 62 -59.24 12.20 -16.35
N THR E 63 -60.12 11.41 -15.74
CA THR E 63 -60.56 11.66 -14.37
C THR E 63 -60.12 10.50 -13.48
N LEU E 64 -60.34 10.63 -12.17
CA LEU E 64 -60.05 9.56 -11.23
C LEU E 64 -61.18 8.52 -11.19
N SER E 65 -62.15 8.67 -12.08
CA SER E 65 -63.26 7.73 -12.13
C SER E 65 -63.24 6.94 -13.44
N ASP E 66 -62.52 7.47 -14.43
CA ASP E 66 -62.42 6.86 -15.76
C ASP E 66 -61.88 5.44 -15.65
N TYR E 67 -60.74 5.30 -15.00
CA TYR E 67 -60.08 4.00 -14.87
C TYR E 67 -60.66 3.17 -13.73
N ASN E 68 -61.96 3.31 -13.50
CA ASN E 68 -62.69 2.59 -12.46
C ASN E 68 -61.88 2.47 -11.20
N ILE E 69 -61.37 3.61 -10.74
CA ILE E 69 -60.58 3.65 -9.53
C ILE E 69 -61.48 3.91 -8.34
N GLN E 70 -62.01 2.83 -7.77
CA GLN E 70 -62.86 2.92 -6.60
C GLN E 70 -62.07 3.25 -5.33
N LYS E 71 -62.75 3.26 -4.19
CA LYS E 71 -62.13 3.63 -2.93
C LYS E 71 -61.03 2.66 -2.54
N GLU E 72 -60.12 3.14 -1.69
CA GLU E 72 -59.05 2.31 -1.15
C GLU E 72 -58.27 1.57 -2.23
N SER E 73 -58.33 2.11 -3.45
CA SER E 73 -57.50 1.64 -4.54
C SER E 73 -56.02 1.80 -4.20
N THR E 74 -55.18 1.34 -5.11
CA THR E 74 -53.76 1.44 -4.89
C THR E 74 -53.01 1.71 -6.17
N LEU E 75 -52.45 2.91 -6.27
CA LEU E 75 -51.62 3.26 -7.42
C LEU E 75 -50.13 3.14 -7.09
N HIS E 76 -49.34 2.73 -8.06
CA HIS E 76 -47.92 2.62 -7.82
C HIS E 76 -47.19 3.79 -8.45
N LEU E 77 -46.33 4.42 -7.66
CA LEU E 77 -45.62 5.60 -8.12
C LEU E 77 -44.36 5.18 -8.88
N VAL E 78 -44.15 5.82 -10.03
CA VAL E 78 -42.96 5.57 -10.83
C VAL E 78 -42.31 6.91 -11.10
N LEU E 79 -40.99 6.96 -11.06
CA LEU E 79 -40.31 8.24 -11.21
C LEU E 79 -39.43 8.23 -12.46
N ARG E 80 -39.80 8.97 -13.50
CA ARG E 80 -38.97 9.06 -14.69
C ARG E 80 -37.74 9.95 -14.42
N LEU E 81 -36.64 9.31 -14.03
CA LEU E 81 -35.43 10.02 -13.72
C LEU E 81 -34.29 9.41 -14.52
N ARG E 82 -34.62 8.50 -15.43
CA ARG E 82 -33.60 7.76 -16.16
C ARG E 82 -33.87 7.66 -17.64
N CYS E 83 -32.78 7.62 -18.42
CA CYS E 83 -32.87 7.42 -19.86
C CYS E 83 -32.46 6.00 -20.26
N MET F 9 58.17 27.02 -5.17
CA MET F 9 57.87 25.62 -4.86
C MET F 9 56.36 25.34 -4.73
N GLN F 10 56.00 24.06 -4.85
CA GLN F 10 54.62 23.62 -4.75
C GLN F 10 54.35 22.77 -3.51
N ILE F 11 53.09 22.79 -3.06
CA ILE F 11 52.64 21.98 -1.94
C ILE F 11 51.24 21.47 -2.21
N PHE F 12 51.05 20.16 -2.15
CA PHE F 12 49.75 19.58 -2.49
C PHE F 12 48.81 19.67 -1.29
N VAL F 13 47.65 20.29 -1.47
CA VAL F 13 46.66 20.30 -0.40
C VAL F 13 45.60 19.22 -0.61
N LYS F 14 45.66 18.17 0.21
CA LYS F 14 44.71 17.08 0.12
C LYS F 14 43.47 17.33 0.98
N THR F 15 42.33 17.60 0.36
CA THR F 15 41.08 17.78 1.10
C THR F 15 40.56 16.43 1.58
N LEU F 16 39.58 16.49 2.48
CA LEU F 16 39.01 15.26 3.02
C LEU F 16 38.18 14.50 1.99
N THR F 17 37.97 15.10 0.82
CA THR F 17 37.21 14.43 -0.25
C THR F 17 38.10 13.68 -1.22
N GLY F 18 39.42 13.82 -1.03
CA GLY F 18 40.39 13.21 -1.92
C GLY F 18 40.99 14.16 -2.95
N LYS F 19 40.24 15.20 -3.32
CA LYS F 19 40.70 16.16 -4.31
C LYS F 19 42.02 16.81 -3.88
N THR F 20 43.10 16.46 -4.58
CA THR F 20 44.42 17.04 -4.28
C THR F 20 44.66 18.32 -5.06
N ILE F 21 44.42 19.46 -4.44
CA ILE F 21 44.66 20.73 -5.11
C ILE F 21 46.15 21.04 -5.13
N THR F 22 46.52 22.09 -5.84
CA THR F 22 47.93 22.45 -5.99
C THR F 22 48.13 23.92 -5.72
N LEU F 23 49.15 24.22 -4.92
CA LEU F 23 49.41 25.58 -4.47
C LEU F 23 50.89 25.93 -4.60
N GLU F 24 51.21 27.00 -5.32
CA GLU F 24 52.58 27.49 -5.39
C GLU F 24 52.84 28.51 -4.28
N VAL F 25 53.74 28.17 -3.37
CA VAL F 25 54.01 29.03 -2.21
C VAL F 25 55.51 29.20 -1.97
N GLU F 26 55.83 30.06 -1.01
CA GLU F 26 57.22 30.22 -0.55
C GLU F 26 57.27 30.07 0.97
N PRO F 27 58.46 29.77 1.52
CA PRO F 27 58.54 29.51 2.97
C PRO F 27 58.01 30.68 3.80
N SER F 28 58.19 31.90 3.28
CA SER F 28 57.70 33.09 3.96
C SER F 28 56.17 33.17 4.04
N ASP F 29 55.48 32.57 3.05
CA ASP F 29 54.01 32.67 2.96
C ASP F 29 53.36 32.26 4.25
N THR F 30 52.53 33.14 4.81
CA THR F 30 51.87 32.83 6.06
C THR F 30 50.68 31.92 5.81
N ILE F 31 50.25 31.20 6.84
CA ILE F 31 49.13 30.29 6.71
C ILE F 31 47.91 31.05 6.22
N GLU F 32 47.72 32.27 6.73
CA GLU F 32 46.69 33.16 6.23
C GLU F 32 46.83 33.38 4.71
N ASN F 33 48.08 33.50 4.24
CA ASN F 33 48.36 33.66 2.81
C ASN F 33 48.10 32.38 2.02
N VAL F 34 47.95 31.27 2.72
CA VAL F 34 47.67 30.01 2.06
C VAL F 34 46.18 29.75 1.95
N LYS F 35 45.46 29.99 3.04
CA LYS F 35 44.02 29.79 3.06
C LYS F 35 43.36 30.62 1.96
N ALA F 36 43.87 31.85 1.77
CA ALA F 36 43.37 32.73 0.73
C ALA F 36 43.73 32.22 -0.66
N LYS F 37 44.85 31.51 -0.77
CA LYS F 37 45.21 30.86 -2.03
C LYS F 37 44.20 29.80 -2.41
N ILE F 38 43.85 28.94 -1.45
CA ILE F 38 42.92 27.86 -1.71
C ILE F 38 41.55 28.41 -2.08
N GLN F 39 41.07 29.37 -1.30
CA GLN F 39 39.77 29.99 -1.54
C GLN F 39 39.65 30.42 -2.97
N ASP F 40 40.62 31.22 -3.39
CA ASP F 40 40.67 31.77 -4.74
C ASP F 40 40.54 30.68 -5.80
N LYS F 41 41.16 29.54 -5.57
CA LYS F 41 41.12 28.46 -6.55
C LYS F 41 40.22 27.25 -6.20
N GLU F 42 39.48 27.32 -5.09
CA GLU F 42 38.51 26.25 -4.77
C GLU F 42 37.17 26.75 -4.22
N GLY F 43 37.13 28.00 -3.77
CA GLY F 43 35.90 28.60 -3.32
C GLY F 43 35.82 28.75 -1.82
N ILE F 44 36.11 27.65 -1.12
CA ILE F 44 36.05 27.57 0.33
C ILE F 44 36.81 28.71 0.98
N PRO F 45 36.08 29.61 1.67
CA PRO F 45 36.64 30.79 2.35
C PRO F 45 37.65 30.39 3.39
N PRO F 46 38.64 31.27 3.65
CA PRO F 46 39.65 31.04 4.68
C PRO F 46 39.06 30.76 6.07
N ASP F 47 37.97 31.44 6.43
CA ASP F 47 37.36 31.28 7.75
C ASP F 47 36.97 29.83 7.96
N GLN F 48 36.15 29.31 7.06
CA GLN F 48 35.66 27.95 7.18
C GLN F 48 36.71 26.91 6.82
N GLN F 49 37.92 27.38 6.57
CA GLN F 49 39.03 26.51 6.24
C GLN F 49 39.91 26.16 7.42
N ARG F 50 40.13 24.87 7.63
CA ARG F 50 41.02 24.37 8.66
C ARG F 50 42.13 23.56 7.99
N LEU F 51 43.38 23.98 8.20
CA LEU F 51 44.51 23.35 7.54
C LEU F 51 45.33 22.51 8.51
N ILE F 52 45.41 21.22 8.22
CA ILE F 52 46.11 20.28 9.09
C ILE F 52 47.43 19.90 8.47
N PHE F 53 48.45 19.72 9.30
CA PHE F 53 49.75 19.27 8.84
C PHE F 53 50.36 18.29 9.83
N ALA F 54 50.42 17.02 9.46
CA ALA F 54 51.05 15.98 10.30
C ALA F 54 50.46 15.90 11.71
N GLY F 55 49.14 15.80 11.79
CA GLY F 55 48.42 15.79 13.07
C GLY F 55 48.47 17.11 13.84
N LYS F 56 48.47 18.23 13.12
CA LYS F 56 48.54 19.56 13.74
C LYS F 56 47.72 20.58 12.95
N GLN F 57 47.23 21.61 13.64
CA GLN F 57 46.53 22.70 12.98
C GLN F 57 47.52 23.77 12.55
N LEU F 58 47.18 24.51 11.49
CA LEU F 58 48.07 25.53 10.97
C LEU F 58 47.63 26.93 11.42
N GLU F 59 48.17 27.35 12.56
CA GLU F 59 47.94 28.69 13.11
C GLU F 59 48.11 29.77 12.06
N ASP F 60 47.08 30.60 11.87
CA ASP F 60 47.06 31.58 10.79
C ASP F 60 48.20 32.60 10.84
N GLY F 61 48.69 32.86 12.05
CA GLY F 61 49.73 33.84 12.25
C GLY F 61 51.08 33.39 11.72
N ARG F 62 51.41 32.12 11.96
CA ARG F 62 52.71 31.56 11.57
C ARG F 62 52.97 31.61 10.07
N THR F 63 54.16 31.18 9.70
CA THR F 63 54.55 31.11 8.30
C THR F 63 54.55 29.66 7.87
N LEU F 64 55.08 29.41 6.68
CA LEU F 64 55.21 28.04 6.16
C LEU F 64 56.49 27.36 6.64
N SER F 65 57.59 28.09 6.71
CA SER F 65 58.85 27.52 7.19
C SER F 65 58.80 27.30 8.70
N ASP F 66 57.95 28.06 9.38
CA ASP F 66 57.76 27.93 10.82
C ASP F 66 57.40 26.50 11.18
N TYR F 67 56.44 25.96 10.44
CA TYR F 67 55.98 24.59 10.65
C TYR F 67 56.80 23.56 9.88
N ASN F 68 58.02 23.91 9.48
CA ASN F 68 58.92 22.97 8.82
C ASN F 68 58.28 22.29 7.61
N ILE F 69 57.65 23.10 6.78
CA ILE F 69 56.96 22.59 5.61
C ILE F 69 57.86 22.76 4.40
N GLN F 70 58.53 21.67 4.02
CA GLN F 70 59.43 21.70 2.87
C GLN F 70 58.68 21.53 1.56
N LYS F 71 59.41 21.51 0.45
CA LYS F 71 58.81 21.43 -0.89
C LYS F 71 58.01 20.15 -1.07
N GLU F 72 56.90 20.25 -1.78
CA GLU F 72 55.93 19.17 -1.97
C GLU F 72 55.24 18.65 -0.72
N SER F 73 55.47 19.28 0.42
CA SER F 73 54.83 18.84 1.66
C SER F 73 53.33 18.82 1.47
N THR F 74 52.68 17.79 2.00
CA THR F 74 51.24 17.66 1.90
C THR F 74 50.57 18.01 3.22
N LEU F 75 49.58 18.90 3.09
CA LEU F 75 48.75 19.31 4.21
C LEU F 75 47.30 18.90 3.96
N HIS F 76 46.62 18.44 5.00
CA HIS F 76 45.22 18.09 4.84
C HIS F 76 44.32 19.29 5.15
N LEU F 77 43.37 19.55 4.23
CA LEU F 77 42.39 20.61 4.41
C LEU F 77 41.06 20.06 4.90
N VAL F 78 40.82 20.20 6.19
CA VAL F 78 39.52 19.88 6.76
C VAL F 78 38.65 21.12 6.78
N LEU F 79 37.35 20.94 6.62
CA LEU F 79 36.42 22.07 6.57
C LEU F 79 35.56 22.14 7.82
N ARG F 80 35.69 23.23 8.56
CA ARG F 80 34.89 23.44 9.76
C ARG F 80 33.48 23.88 9.38
N LEU F 81 32.53 22.96 9.51
CA LEU F 81 31.15 23.24 9.12
C LEU F 81 30.10 22.66 10.05
N ARG F 82 30.51 21.77 10.93
CA ARG F 82 29.58 21.21 11.90
C ARG F 82 29.86 21.65 13.34
N CYS F 83 28.79 21.72 14.13
CA CYS F 83 28.69 22.39 15.45
C CYS F 83 28.46 23.91 15.42
#